data_8SFR
#
_entry.id   8SFR
#
_cell.length_a   1.00
_cell.length_b   1.00
_cell.length_c   1.00
_cell.angle_alpha   90.00
_cell.angle_beta   90.00
_cell.angle_gamma   90.00
#
_symmetry.space_group_name_H-M   'P 1'
#
loop_
_entity.id
_entity.type
_entity.pdbx_description
1 polymer 'CRISPR-associated endonuclease Cas12a'
2 polymer 'RNA (39-MER)'
3 polymer 'DNA (34-MER)'
4 polymer "DNA (5'-D(P*CP*TP*TP*CP*CP*GP*AP*TP*CP*TP*TP*TP*TP*AP*GP*TP*GP*AP*T)-3')"
#
loop_
_entity_poly.entity_id
_entity_poly.type
_entity_poly.pdbx_seq_one_letter_code
_entity_poly.pdbx_strand_id
1 'polypeptide(L)'
;GAASMTQFEGFTNLYQVSKTLRFELIPQGKTLKHIQEQGFIEEDKARNDHYKELKPIIDRIYKTYADQCLQLVQLDWENL
SAAIDSYRKEKTEETRNALIEEQATYRNAIHDYFIGRTDNLTDAINKRHAEIYKGLFKAELFNGKVLKQLGTVTTTEHEN
ALLRSFDKFTTYFSGFYENRKNVFSAEDISTAIPHRIVQDNFPKFKENCHIFTRLITAVPSLREHFENVKKAIGIFVSTS
IEEVFSFPFYNQLLTQTQIDLYNQLLGGISREAGTEKIKGLNEVLNLAIQKNDETAHIIASLPHRFIPLFKQILSDRNTL
SFILEEFKSDEEVIQSFCKYKTLLRNENVLETAEALFNELNSIDLTHIFISHKKLETISSALCDHWDTLRNALYERRISE
LTGKITKSAKEKVQRSLKHEDINLQEIISAAGKELSEAFKQKTSEILSHAHAALDQPLPTTLKKQEEKEILKSQLDSLLG
LYHLLDWFAVDESNEVDPEFSARLTGIKLEMEPSLSFYNKARNYATKKPYSVEKFKLNFQMPTLASGWDVNKEKNNGAIL
FVKNGLYYLGIMPKQKGRYKALSFEPTEKTSEGFDKMYYDYFPDAAKMIPKCSTQLKAVTAHFQTHTTPILLSNNFIEPL
EITKEIYDLNNPEKEPKKFQTAYAKKTGDQKGYREALCKWIDFTRDFLSKYTKTTSIDLSSLRPSSQYKDLGEYYAELNP
LLYHISFQRIAEKEIMDAVETGKLYLFQIYNKDFAKGHHGKPNLHTLYWTGLFSPENLAKTSIKLNGQAELFYRPKSRMK
RMAHRLGEKMLNKKLKDQKTPIPDTLYQELYDYVNHRLSHDLSDEARALLPNVITKEVSHEIIKDRRFTSDKFFFHVPIT
LNYQAANSPSKFNQRVNAYLKEHPETPIIGIDRGERNLIYITVIDSTGKILEQRSLNTIQQFDYQKKLDNREKERVAARQ
AWSVVGTIKDLKQGYLSQVIHEIVDLMIHYQAVVVLENLNFGFKSKRTGIAEKAVYQQFEKMLIDKLNCLVLKDYPAEKV
GGVLNPYQLTDQFTSFAKMGTQSGFLFYVPAPYTSKIDPLTGFVDPFVWKTIKNHESRKHFLEGFDFLHYDVKTGDFILH
FKMNRNLSFQRGLPGFMPAWDIVFEKNETQFDAKGTPFIAGKRIVPVIENHRFTGRYRDLYPANELIALLEEKGIVFRDG
SNILPKLLENDDSHAIDTMVALIRSVLQMRNSNAATGEDYINSPVRDLNGVCFDSRFQNPEWPMDADANGAYHIALKGQL
LLNHLKESKDLKLQNGISNQDWLAYIQELRN
;
A
2 'polyribonucleotide' UUUUUAAUUUCUACUCUUGUAGAUGUGAUAAGUGGAAUGCCAUGUGGA B
3 'polydeoxyribonucleotide'
;(DA)(DG)(DC)(DA)(DC)(DA)(DG)(DT)(DA)(DG)(DC)(DT)(DA)(DC)(DT)(DC)(DC)(DA)(DC)(DA)
(DT)(DG)(DG)(DC)(DA)(DT)(DT)(DC)(DC)(DA)(DC)(DT)(DT)(DA)(DT)(DC)(DA)(DC)(DT)(DA)
(DA)(DA)(DA)(DG)(DA)(DT)(DC)(DG)(DG)(DA)(DA)(DG)(DA)(DG)(DC)(DG)
;
C
4 'polydeoxyribonucleotide'
;(DC)(DG)(DC)(DT)(DC)(DT)(DT)(DC)(DC)(DG)(DA)(DT)(DC)(DT)(DT)(DT)(DT)(DA)(DG)(DT)
(DG)(DA)(DT)(DA)(DA)(DG)(DT)(DG)(DG)(DA)(DA)(DT)(DG)(DC)(DC)(DA)(DT)(DG)(DT)(DG)
(DG)(DA)(DG)(DT)(DA)(DG)(DC)(DT)(DA)(DC)(DT)(DG)(DT)(DG)(DC)(DT)
;
D
#
loop_
_chem_comp.id
_chem_comp.type
_chem_comp.name
_chem_comp.formula
A RNA linking ADENOSINE-5'-MONOPHOSPHATE 'C10 H14 N5 O7 P'
C RNA linking CYTIDINE-5'-MONOPHOSPHATE 'C9 H14 N3 O8 P'
DA DNA linking 2'-DEOXYADENOSINE-5'-MONOPHOSPHATE 'C10 H14 N5 O6 P'
DC DNA linking 2'-DEOXYCYTIDINE-5'-MONOPHOSPHATE 'C9 H14 N3 O7 P'
DG DNA linking 2'-DEOXYGUANOSINE-5'-MONOPHOSPHATE 'C10 H14 N5 O7 P'
DT DNA linking THYMIDINE-5'-MONOPHOSPHATE 'C10 H15 N2 O8 P'
G RNA linking GUANOSINE-5'-MONOPHOSPHATE 'C10 H14 N5 O8 P'
U RNA linking URIDINE-5'-MONOPHOSPHATE 'C9 H13 N2 O9 P'
#
# COMPACT_ATOMS: atom_id res chain seq x y z
N MET A 5 6.21 32.16 -24.86
CA MET A 5 7.50 31.58 -24.51
C MET A 5 7.57 31.35 -23.00
N THR A 6 7.63 30.09 -22.60
CA THR A 6 7.79 29.72 -21.21
C THR A 6 9.12 29.02 -21.03
N GLN A 7 9.66 29.11 -19.82
CA GLN A 7 10.97 28.53 -19.54
C GLN A 7 10.86 27.59 -18.35
N PHE A 8 11.94 26.80 -18.20
CA PHE A 8 11.99 25.76 -17.18
C PHE A 8 11.85 26.32 -15.78
N GLU A 9 12.34 27.54 -15.55
CA GLU A 9 12.22 28.18 -14.26
C GLU A 9 10.79 28.61 -13.95
N GLY A 10 9.89 28.57 -14.93
CA GLY A 10 8.54 28.97 -14.67
C GLY A 10 7.71 27.98 -13.88
N PHE A 11 8.22 26.78 -13.66
CA PHE A 11 7.49 25.74 -12.94
C PHE A 11 7.70 25.88 -11.44
N THR A 12 7.26 27.01 -10.90
CA THR A 12 7.33 27.24 -9.47
C THR A 12 6.17 28.13 -9.06
N ASN A 13 5.78 28.01 -7.78
CA ASN A 13 4.67 28.73 -7.19
C ASN A 13 3.38 28.47 -7.98
N LEU A 14 3.05 27.20 -8.12
CA LEU A 14 1.85 26.79 -8.84
C LEU A 14 0.71 26.39 -7.92
N TYR A 15 1.01 25.70 -6.83
CA TYR A 15 -0.05 25.29 -5.91
C TYR A 15 0.52 25.09 -4.52
N GLN A 16 -0.34 25.27 -3.53
CA GLN A 16 0.06 25.16 -2.14
C GLN A 16 0.37 23.71 -1.78
N VAL A 17 1.31 23.54 -0.87
CA VAL A 17 1.53 22.25 -0.21
C VAL A 17 1.62 22.49 1.28
N SER A 18 1.33 21.45 2.05
CA SER A 18 1.28 21.55 3.50
C SER A 18 2.22 20.54 4.12
N LYS A 19 3.15 21.03 4.93
CA LYS A 19 4.12 20.17 5.57
C LYS A 19 4.11 20.44 7.06
N THR A 20 4.60 19.45 7.81
CA THR A 20 4.63 19.54 9.26
C THR A 20 6.08 19.40 9.71
N LEU A 21 6.48 20.21 10.67
CA LEU A 21 7.83 20.17 11.21
C LEU A 21 7.79 19.69 12.65
N ARG A 22 8.82 18.94 13.04
CA ARG A 22 8.91 18.37 14.37
C ARG A 22 10.13 18.92 15.08
N PHE A 23 9.97 19.27 16.35
CA PHE A 23 11.07 19.80 17.12
C PHE A 23 10.99 19.33 18.55
N GLU A 24 12.12 19.38 19.23
CA GLU A 24 12.24 19.06 20.64
C GLU A 24 12.29 20.38 21.39
N LEU A 25 11.61 20.43 22.53
CA LEU A 25 11.48 21.64 23.32
C LEU A 25 12.34 21.56 24.55
N ILE A 26 13.20 22.55 24.74
CA ILE A 26 14.07 22.61 25.91
C ILE A 26 13.50 23.67 26.86
N PRO A 27 13.05 23.30 28.05
CA PRO A 27 12.55 24.30 28.99
C PRO A 27 13.68 25.19 29.48
N GLN A 28 13.33 26.44 29.76
CA GLN A 28 14.30 27.46 30.12
C GLN A 28 14.08 27.86 31.57
N GLY A 29 14.94 27.37 32.45
CA GLY A 29 14.92 27.82 33.83
C GLY A 29 13.83 27.15 34.63
N LYS A 30 13.14 27.94 35.44
CA LYS A 30 12.25 27.44 36.47
C LYS A 30 10.99 26.80 35.91
N THR A 31 10.72 26.95 34.61
CA THR A 31 9.53 26.37 34.01
C THR A 31 9.52 24.85 34.08
N LEU A 32 10.69 24.21 34.10
CA LEU A 32 10.74 22.78 34.25
C LEU A 32 10.31 22.37 35.66
N LYS A 33 10.64 23.20 36.65
CA LYS A 33 10.10 22.95 37.99
C LYS A 33 8.61 23.22 38.04
N HIS A 34 8.18 24.36 37.51
CA HIS A 34 6.80 24.81 37.69
C HIS A 34 5.80 23.96 36.95
N ILE A 35 6.22 23.26 35.89
CA ILE A 35 5.30 22.33 35.24
C ILE A 35 5.04 21.13 36.15
N GLN A 36 6.03 20.74 36.95
CA GLN A 36 5.86 19.59 37.83
C GLN A 36 4.90 19.91 38.97
N GLU A 37 4.95 21.13 39.49
CA GLU A 37 4.14 21.48 40.64
C GLU A 37 2.66 21.50 40.27
N GLN A 38 2.35 21.97 39.06
CA GLN A 38 0.98 21.82 38.58
C GLN A 38 0.67 20.39 38.19
N GLY A 39 1.70 19.60 37.89
CA GLY A 39 1.51 18.20 37.56
C GLY A 39 0.68 17.98 36.31
N PHE A 40 0.82 18.87 35.32
CA PHE A 40 0.02 18.73 34.11
C PHE A 40 0.40 17.50 33.32
N ILE A 41 1.60 16.95 33.54
CA ILE A 41 2.00 15.74 32.85
C ILE A 41 1.10 14.59 33.25
N GLU A 42 0.93 14.38 34.57
CA GLU A 42 0.10 13.29 35.05
C GLU A 42 -1.35 13.51 34.72
N GLU A 43 -1.82 14.76 34.84
CA GLU A 43 -3.19 15.08 34.53
C GLU A 43 -3.48 14.84 33.06
N ASP A 44 -2.56 15.24 32.19
CA ASP A 44 -2.76 15.04 30.76
C ASP A 44 -2.69 13.58 30.38
N LYS A 45 -1.80 12.82 31.02
CA LYS A 45 -1.73 11.39 30.77
C LYS A 45 -3.03 10.72 31.19
N ALA A 46 -3.57 11.11 32.34
CA ALA A 46 -4.85 10.57 32.79
C ALA A 46 -5.98 10.97 31.85
N ARG A 47 -5.95 12.21 31.35
CA ARG A 47 -6.94 12.66 30.39
C ARG A 47 -6.91 11.83 29.12
N ASN A 48 -5.71 11.57 28.61
CA ASN A 48 -5.58 10.82 27.39
C ASN A 48 -5.94 9.35 27.60
N ASP A 49 -5.62 8.82 28.79
CA ASP A 49 -6.03 7.47 29.14
C ASP A 49 -7.54 7.36 29.17
N HIS A 50 -8.21 8.33 29.79
CA HIS A 50 -9.65 8.37 29.79
C HIS A 50 -10.19 8.48 28.37
N TYR A 51 -9.48 9.21 27.51
CA TYR A 51 -9.95 9.38 26.14
C TYR A 51 -9.94 8.05 25.39
N LYS A 52 -8.82 7.33 25.40
CA LYS A 52 -8.84 6.10 24.59
C LYS A 52 -9.66 5.01 25.26
N GLU A 53 -9.76 5.01 26.58
CA GLU A 53 -10.62 3.97 27.14
C GLU A 53 -12.09 4.34 27.09
N LEU A 54 -12.43 5.59 26.80
CA LEU A 54 -13.81 6.02 26.67
C LEU A 54 -14.28 6.02 25.22
N LYS A 55 -13.36 6.09 24.27
CA LYS A 55 -13.71 6.03 22.85
C LYS A 55 -14.59 4.83 22.45
N PRO A 56 -14.34 3.59 22.88
CA PRO A 56 -15.27 2.52 22.52
C PRO A 56 -16.65 2.66 23.14
N ILE A 57 -16.80 3.44 24.20
CA ILE A 57 -18.14 3.68 24.73
C ILE A 57 -18.93 4.57 23.79
N ILE A 58 -18.29 5.60 23.25
CA ILE A 58 -19.01 6.62 22.49
C ILE A 58 -19.59 6.05 21.21
N ASP A 59 -18.81 5.25 20.50
CA ASP A 59 -19.26 4.77 19.20
C ASP A 59 -20.34 3.71 19.34
N ARG A 60 -20.52 3.14 20.54
CA ARG A 60 -21.67 2.30 20.81
C ARG A 60 -22.96 3.06 20.57
N ILE A 61 -22.99 4.32 20.97
CA ILE A 61 -24.12 5.19 20.65
C ILE A 61 -24.24 5.35 19.14
N TYR A 62 -23.11 5.58 18.48
CA TYR A 62 -23.11 5.66 17.02
C TYR A 62 -23.56 4.35 16.41
N LYS A 63 -23.04 3.23 16.91
CA LYS A 63 -23.46 1.93 16.42
C LYS A 63 -24.95 1.70 16.65
N THR A 64 -25.43 2.08 17.83
CA THR A 64 -26.83 1.84 18.15
C THR A 64 -27.75 2.65 17.25
N TYR A 65 -27.41 3.92 17.03
CA TYR A 65 -28.27 4.72 16.17
C TYR A 65 -28.16 4.27 14.72
N ALA A 66 -26.98 3.80 14.32
CA ALA A 66 -26.84 3.27 12.97
C ALA A 66 -27.72 2.06 12.77
N ASP A 67 -27.70 1.14 13.72
CA ASP A 67 -28.50 -0.08 13.58
C ASP A 67 -29.98 0.21 13.65
N GLN A 68 -30.39 1.11 14.56
CA GLN A 68 -31.80 1.45 14.66
C GLN A 68 -32.27 2.19 13.42
N CYS A 69 -31.45 3.09 12.89
CA CYS A 69 -31.85 3.90 11.75
C CYS A 69 -31.91 3.08 10.47
N LEU A 70 -30.95 2.18 10.27
CA LEU A 70 -30.89 1.46 9.00
C LEU A 70 -31.98 0.40 8.86
N GLN A 71 -32.55 -0.07 9.97
CA GLN A 71 -33.52 -1.15 9.86
C GLN A 71 -34.83 -0.69 9.27
N LEU A 72 -35.07 0.61 9.20
CA LEU A 72 -36.28 1.14 8.57
C LEU A 72 -36.08 1.44 7.09
N VAL A 73 -34.89 1.19 6.55
CA VAL A 73 -34.61 1.52 5.17
C VAL A 73 -35.29 0.51 4.26
N GLN A 74 -35.99 0.99 3.24
CA GLN A 74 -36.67 0.14 2.28
C GLN A 74 -36.64 0.84 0.94
N LEU A 75 -35.81 0.36 0.02
CA LEU A 75 -35.61 1.02 -1.25
C LEU A 75 -35.63 0.01 -2.39
N ASP A 76 -36.09 0.47 -3.54
CA ASP A 76 -35.91 -0.27 -4.77
C ASP A 76 -34.51 -0.01 -5.28
N TRP A 77 -33.85 -1.07 -5.75
CA TRP A 77 -32.50 -0.97 -6.27
C TRP A 77 -32.45 -1.16 -7.77
N GLU A 78 -33.63 -1.19 -8.42
CA GLU A 78 -33.70 -1.53 -9.83
C GLU A 78 -33.00 -0.50 -10.70
N ASN A 79 -33.21 0.79 -10.42
CA ASN A 79 -32.62 1.83 -11.23
C ASN A 79 -31.10 1.84 -11.12
N LEU A 80 -30.59 1.64 -9.91
CA LEU A 80 -29.15 1.61 -9.72
C LEU A 80 -28.52 0.42 -10.43
N SER A 81 -29.19 -0.74 -10.36
CA SER A 81 -28.70 -1.92 -11.07
C SER A 81 -28.72 -1.69 -12.57
N ALA A 82 -29.78 -1.05 -13.07
CA ALA A 82 -29.88 -0.78 -14.51
C ALA A 82 -28.78 0.17 -14.95
N ALA A 83 -28.50 1.20 -14.15
CA ALA A 83 -27.44 2.14 -14.50
C ALA A 83 -26.08 1.46 -14.49
N ILE A 84 -25.83 0.61 -13.49
CA ILE A 84 -24.56 -0.10 -13.41
C ILE A 84 -24.38 -1.01 -14.61
N ASP A 85 -25.44 -1.73 -14.97
CA ASP A 85 -25.37 -2.63 -16.12
C ASP A 85 -25.19 -1.87 -17.42
N SER A 86 -25.86 -0.72 -17.55
CA SER A 86 -25.74 0.09 -18.76
C SER A 86 -24.33 0.64 -18.91
N TYR A 87 -23.72 1.08 -17.80
CA TYR A 87 -22.35 1.54 -17.87
C TYR A 87 -21.39 0.37 -18.10
N ARG A 88 -21.76 -0.82 -17.63
CA ARG A 88 -20.94 -2.00 -17.90
C ARG A 88 -20.98 -2.37 -19.38
N LYS A 89 -22.12 -2.17 -20.03
CA LYS A 89 -22.27 -2.57 -21.42
C LYS A 89 -21.31 -1.81 -22.33
N GLU A 90 -21.17 -0.50 -22.12
CA GLU A 90 -20.13 0.25 -22.80
C GLU A 90 -19.72 1.41 -21.91
N LYS A 91 -18.45 1.76 -21.98
CA LYS A 91 -17.88 2.76 -21.08
C LYS A 91 -17.85 4.13 -21.74
N THR A 92 -19.01 4.60 -22.16
CA THR A 92 -19.11 5.98 -22.61
C THR A 92 -19.32 6.89 -21.41
N GLU A 93 -18.98 8.17 -21.62
CA GLU A 93 -18.90 9.09 -20.49
C GLU A 93 -20.27 9.45 -19.94
N GLU A 94 -21.26 9.67 -20.80
CA GLU A 94 -22.56 10.13 -20.33
C GLU A 94 -23.26 9.06 -19.49
N THR A 95 -22.99 7.78 -19.77
CA THR A 95 -23.47 6.74 -18.86
C THR A 95 -22.73 6.80 -17.53
N ARG A 96 -21.45 7.19 -17.55
CA ARG A 96 -20.73 7.34 -16.29
C ARG A 96 -21.32 8.46 -15.45
N ASN A 97 -21.68 9.58 -16.06
CA ASN A 97 -22.32 10.63 -15.25
C ASN A 97 -23.73 10.23 -14.86
N ALA A 98 -24.41 9.43 -15.69
CA ALA A 98 -25.71 8.92 -15.29
C ALA A 98 -25.60 8.03 -14.06
N LEU A 99 -24.58 7.17 -14.03
CA LEU A 99 -24.38 6.30 -12.88
C LEU A 99 -23.93 7.10 -11.66
N ILE A 100 -23.14 8.15 -11.88
CA ILE A 100 -22.76 9.03 -10.78
C ILE A 100 -23.98 9.69 -10.19
N GLU A 101 -24.90 10.14 -11.05
CA GLU A 101 -26.13 10.76 -10.59
C GLU A 101 -26.97 9.76 -9.82
N GLU A 102 -27.07 8.52 -10.32
CA GLU A 102 -27.85 7.50 -9.61
C GLU A 102 -27.23 7.18 -8.26
N GLN A 103 -25.89 7.10 -8.21
CA GLN A 103 -25.21 6.84 -6.95
C GLN A 103 -25.46 7.94 -5.95
N ALA A 104 -25.41 9.20 -6.41
CA ALA A 104 -25.69 10.31 -5.51
C ALA A 104 -27.13 10.29 -5.06
N THR A 105 -28.05 9.89 -5.94
CA THR A 105 -29.47 9.83 -5.60
C THR A 105 -29.71 8.81 -4.50
N TYR A 106 -29.18 7.60 -4.69
CA TYR A 106 -29.35 6.55 -3.68
C TYR A 106 -28.66 6.92 -2.39
N ARG A 107 -27.47 7.53 -2.48
CA ARG A 107 -26.75 7.97 -1.29
C ARG A 107 -27.53 9.01 -0.52
N ASN A 108 -28.12 9.97 -1.22
CA ASN A 108 -28.94 10.99 -0.56
C ASN A 108 -30.18 10.38 0.06
N ALA A 109 -30.80 9.44 -0.65
CA ALA A 109 -31.99 8.79 -0.12
C ALA A 109 -31.68 8.00 1.15
N ILE A 110 -30.51 7.37 1.20
CA ILE A 110 -30.13 6.66 2.40
C ILE A 110 -29.81 7.64 3.53
N HIS A 111 -29.12 8.73 3.21
CA HIS A 111 -28.81 9.76 4.19
C HIS A 111 -30.06 10.43 4.72
N ASP A 112 -31.16 10.38 3.96
CA ASP A 112 -32.42 10.99 4.37
C ASP A 112 -32.97 10.35 5.63
N TYR A 113 -32.82 9.03 5.77
CA TYR A 113 -33.17 8.38 7.02
C TYR A 113 -32.30 8.89 8.15
N PHE A 114 -31.02 9.11 7.88
CA PHE A 114 -30.10 9.50 8.93
C PHE A 114 -30.41 10.90 9.44
N ILE A 115 -30.64 11.84 8.53
CA ILE A 115 -31.02 13.18 8.95
C ILE A 115 -32.46 13.17 9.46
N GLY A 116 -33.26 12.22 9.00
CA GLY A 116 -34.64 12.17 9.40
C GLY A 116 -35.49 13.01 8.47
N ARG A 117 -35.13 13.00 7.19
CA ARG A 117 -35.87 13.74 6.18
C ARG A 117 -36.46 12.83 5.12
N THR A 118 -36.44 11.53 5.34
CA THR A 118 -36.96 10.60 4.34
C THR A 118 -38.47 10.72 4.22
N ASP A 119 -38.96 10.50 3.01
CA ASP A 119 -40.37 10.68 2.71
C ASP A 119 -41.22 9.55 3.27
N ASN A 120 -40.71 8.31 3.19
CA ASN A 120 -41.51 7.13 3.51
C ASN A 120 -41.93 7.07 4.97
N LEU A 121 -41.16 7.66 5.87
CA LEU A 121 -41.52 7.64 7.27
C LEU A 121 -42.49 8.77 7.59
N THR A 122 -43.18 8.65 8.73
CA THR A 122 -44.11 9.66 9.16
C THR A 122 -43.33 10.85 9.74
N ASP A 123 -44.05 11.93 10.01
CA ASP A 123 -43.39 13.16 10.43
C ASP A 123 -42.90 13.08 11.86
N ALA A 124 -43.58 12.32 12.71
CA ALA A 124 -43.19 12.22 14.11
C ALA A 124 -41.83 11.52 14.25
N ILE A 125 -41.68 10.36 13.61
CA ILE A 125 -40.41 9.66 13.68
C ILE A 125 -39.34 10.41 12.92
N ASN A 126 -39.72 11.14 11.87
CA ASN A 126 -38.77 11.97 11.15
C ASN A 126 -38.19 13.06 12.05
N LYS A 127 -39.07 13.75 12.79
CA LYS A 127 -38.59 14.78 13.69
C LYS A 127 -37.84 14.17 14.86
N ARG A 128 -38.18 12.95 15.24
CA ARG A 128 -37.43 12.26 16.29
C ARG A 128 -36.02 11.98 15.82
N HIS A 129 -35.88 11.46 14.61
CA HIS A 129 -34.57 11.16 14.05
C HIS A 129 -33.75 12.43 13.88
N ALA A 130 -34.39 13.52 13.48
CA ALA A 130 -33.68 14.79 13.36
C ALA A 130 -33.20 15.29 14.72
N GLU A 131 -34.07 15.18 15.73
CA GLU A 131 -33.71 15.61 17.08
C GLU A 131 -32.57 14.78 17.63
N ILE A 132 -32.51 13.51 17.29
CA ILE A 132 -31.32 12.73 17.58
C ILE A 132 -30.14 13.27 16.79
N TYR A 133 -30.33 13.49 15.49
CA TYR A 133 -29.24 13.67 14.56
C TYR A 133 -28.47 14.95 14.81
N LYS A 134 -29.15 16.00 15.27
CA LYS A 134 -28.43 17.22 15.61
C LYS A 134 -27.58 17.02 16.87
N GLY A 135 -27.83 15.96 17.63
CA GLY A 135 -27.15 15.80 18.89
C GLY A 135 -25.88 14.99 18.87
N LEU A 136 -25.60 14.27 17.78
CA LEU A 136 -24.42 13.40 17.77
C LEU A 136 -23.12 14.19 17.79
N PHE A 137 -23.05 15.29 17.07
CA PHE A 137 -21.80 16.01 16.87
C PHE A 137 -21.73 17.26 17.71
N LYS A 138 -22.27 17.22 18.92
CA LYS A 138 -22.23 18.34 19.83
C LYS A 138 -21.90 17.81 21.21
N ALA A 139 -22.03 18.66 22.22
CA ALA A 139 -21.77 18.27 23.60
C ALA A 139 -22.94 17.53 24.23
N GLU A 140 -24.00 17.29 23.47
CA GLU A 140 -25.15 16.56 23.97
C GLU A 140 -24.80 15.12 24.33
N LEU A 141 -23.74 14.57 23.74
CA LEU A 141 -23.30 13.23 24.10
C LEU A 141 -22.84 13.16 25.54
N PHE A 142 -22.07 14.16 25.98
CA PHE A 142 -21.30 13.98 27.20
C PHE A 142 -22.15 14.21 28.44
N ASN A 143 -23.16 15.06 28.34
CA ASN A 143 -24.10 15.20 29.43
C ASN A 143 -25.22 14.18 29.37
N GLY A 144 -25.22 13.31 28.37
CA GLY A 144 -26.23 12.30 28.26
C GLY A 144 -27.57 12.80 27.80
N LYS A 145 -27.63 13.97 27.16
CA LYS A 145 -28.91 14.48 26.66
C LYS A 145 -29.47 13.58 25.58
N VAL A 146 -28.63 13.15 24.64
CA VAL A 146 -29.11 12.29 23.56
C VAL A 146 -29.38 10.89 24.07
N LEU A 147 -28.85 10.53 25.24
CA LEU A 147 -29.15 9.23 25.83
C LEU A 147 -30.62 9.14 26.21
N LYS A 148 -31.26 10.26 26.55
CA LYS A 148 -32.69 10.25 26.78
C LYS A 148 -33.45 9.95 25.49
N GLN A 149 -32.94 10.43 24.36
CA GLN A 149 -33.58 10.14 23.09
C GLN A 149 -33.48 8.65 22.74
N LEU A 150 -32.39 8.00 23.15
CA LEU A 150 -32.25 6.59 22.87
C LEU A 150 -32.74 5.73 24.03
N GLY A 151 -32.15 5.92 25.20
CA GLY A 151 -32.44 5.06 26.33
C GLY A 151 -32.04 3.62 26.10
N THR A 152 -31.01 3.38 25.32
CA THR A 152 -30.69 2.04 24.83
C THR A 152 -29.27 1.61 25.12
N VAL A 153 -28.32 2.55 25.16
CA VAL A 153 -26.93 2.18 25.38
C VAL A 153 -26.72 1.72 26.82
N THR A 154 -27.30 2.43 27.79
CA THR A 154 -27.37 2.03 29.20
C THR A 154 -25.99 1.76 29.80
N THR A 155 -25.20 2.83 29.90
CA THR A 155 -23.87 2.73 30.48
C THR A 155 -23.95 2.50 31.98
N THR A 156 -22.90 1.91 32.54
CA THR A 156 -22.82 1.72 33.98
C THR A 156 -22.34 3.01 34.64
N GLU A 157 -22.21 2.98 35.97
CA GLU A 157 -21.81 4.19 36.69
C GLU A 157 -20.35 4.51 36.47
N HIS A 158 -19.52 3.50 36.20
CA HIS A 158 -18.10 3.77 35.95
C HIS A 158 -17.93 4.50 34.63
N GLU A 159 -18.71 4.12 33.62
CA GLU A 159 -18.69 4.83 32.35
C GLU A 159 -19.18 6.26 32.51
N ASN A 160 -20.22 6.45 33.34
CA ASN A 160 -20.71 7.80 33.59
C ASN A 160 -19.66 8.64 34.30
N ALA A 161 -18.94 8.04 35.25
CA ALA A 161 -17.85 8.74 35.91
C ALA A 161 -16.73 9.08 34.93
N LEU A 162 -16.52 8.21 33.94
CA LEU A 162 -15.58 8.56 32.88
C LEU A 162 -16.08 9.74 32.08
N LEU A 163 -17.39 9.79 31.79
CA LEU A 163 -17.93 10.94 31.09
C LEU A 163 -17.88 12.20 31.92
N ARG A 164 -17.86 12.06 33.25
CA ARG A 164 -17.76 13.26 34.07
C ARG A 164 -16.35 13.82 34.09
N SER A 165 -15.36 13.07 33.60
CA SER A 165 -14.00 13.57 33.57
C SER A 165 -13.78 14.62 32.49
N PHE A 166 -14.68 14.71 31.52
CA PHE A 166 -14.51 15.61 30.40
C PHE A 166 -15.46 16.79 30.43
N ASP A 167 -15.98 17.12 31.60
CA ASP A 167 -16.82 18.30 31.74
C ASP A 167 -16.00 19.55 31.47
N LYS A 168 -16.62 20.49 30.75
CA LYS A 168 -15.98 21.74 30.31
C LYS A 168 -14.72 21.48 29.49
N PHE A 169 -14.65 20.33 28.83
CA PHE A 169 -13.48 20.02 28.02
C PHE A 169 -13.85 19.31 26.72
N THR A 170 -15.07 19.51 26.24
CA THR A 170 -15.56 18.76 25.09
C THR A 170 -14.86 19.10 23.79
N THR A 171 -14.12 20.21 23.74
CA THR A 171 -13.39 20.56 22.53
C THR A 171 -12.25 19.59 22.24
N TYR A 172 -11.88 18.76 23.21
CA TYR A 172 -10.88 17.72 23.00
C TYR A 172 -11.30 16.73 21.94
N PHE A 173 -12.59 16.59 21.69
CA PHE A 173 -13.12 15.57 20.79
C PHE A 173 -13.41 16.11 19.41
N SER A 174 -12.96 17.32 19.11
CA SER A 174 -13.32 17.98 17.86
C SER A 174 -12.82 17.22 16.65
N GLY A 175 -11.58 16.72 16.72
CA GLY A 175 -11.09 15.86 15.66
C GLY A 175 -11.87 14.57 15.57
N PHE A 176 -12.22 14.00 16.71
CA PHE A 176 -13.06 12.81 16.71
C PHE A 176 -14.46 13.13 16.20
N TYR A 177 -14.96 14.33 16.54
CA TYR A 177 -16.23 14.78 16.01
C TYR A 177 -16.21 14.82 14.49
N GLU A 178 -15.13 15.34 13.92
CA GLU A 178 -15.04 15.39 12.46
C GLU A 178 -14.86 14.01 11.86
N ASN A 179 -14.10 13.15 12.55
CA ASN A 179 -13.88 11.79 12.05
C ASN A 179 -15.19 11.04 11.95
N ARG A 180 -16.01 11.10 12.99
CA ARG A 180 -17.30 10.46 12.90
C ARG A 180 -18.28 11.25 12.05
N LYS A 181 -18.03 12.53 11.81
CA LYS A 181 -18.89 13.29 10.93
C LYS A 181 -18.71 12.89 9.47
N ASN A 182 -17.55 12.36 9.11
CA ASN A 182 -17.38 11.84 7.77
C ASN A 182 -18.25 10.62 7.52
N VAL A 183 -18.60 9.91 8.60
CA VAL A 183 -19.34 8.66 8.45
C VAL A 183 -20.74 8.93 7.92
N PHE A 184 -21.46 9.85 8.54
CA PHE A 184 -22.88 10.03 8.24
C PHE A 184 -23.08 11.14 7.23
N SER A 185 -22.44 11.00 6.08
CA SER A 185 -22.53 12.01 5.05
C SER A 185 -22.68 11.32 3.70
N ALA A 186 -23.55 11.86 2.86
CA ALA A 186 -23.79 11.32 1.53
C ALA A 186 -22.83 11.89 0.50
N GLU A 187 -21.66 12.35 0.94
CA GLU A 187 -20.76 13.10 0.08
C GLU A 187 -19.71 12.21 -0.59
N ASP A 188 -20.05 10.95 -0.83
CA ASP A 188 -19.23 10.02 -1.63
C ASP A 188 -17.83 9.80 -1.06
N ILE A 189 -17.66 10.05 0.24
CA ILE A 189 -16.39 9.74 0.90
C ILE A 189 -16.28 8.23 1.06
N SER A 190 -15.09 7.70 0.79
CA SER A 190 -14.85 6.26 0.95
C SER A 190 -15.11 5.80 2.37
N THR A 191 -14.84 6.64 3.36
CA THR A 191 -15.14 6.31 4.75
C THR A 191 -16.48 6.94 5.11
N ALA A 192 -17.53 6.33 4.60
CA ALA A 192 -18.88 6.78 4.92
C ALA A 192 -19.84 5.61 4.74
N ILE A 193 -20.83 5.55 5.61
CA ILE A 193 -21.86 4.51 5.56
C ILE A 193 -22.58 4.48 4.20
N PRO A 194 -23.21 5.56 3.71
CA PRO A 194 -24.02 5.40 2.51
C PRO A 194 -23.19 5.15 1.27
N HIS A 195 -21.97 5.68 1.21
CA HIS A 195 -21.10 5.33 0.09
C HIS A 195 -20.76 3.85 0.11
N ARG A 196 -20.53 3.29 1.30
CA ARG A 196 -20.28 1.86 1.38
C ARG A 196 -21.47 1.06 0.88
N ILE A 197 -22.66 1.36 1.40
CA ILE A 197 -23.79 0.49 1.09
C ILE A 197 -24.46 0.89 -0.20
N VAL A 198 -23.85 1.83 -0.93
CA VAL A 198 -24.28 2.14 -2.28
C VAL A 198 -23.28 1.65 -3.31
N GLN A 199 -21.99 1.89 -3.10
CA GLN A 199 -21.00 1.63 -4.12
C GLN A 199 -20.10 0.45 -3.83
N ASP A 200 -20.00 0.00 -2.59
CA ASP A 200 -19.09 -1.09 -2.26
C ASP A 200 -19.79 -2.43 -2.15
N ASN A 201 -20.74 -2.55 -1.24
CA ASN A 201 -21.38 -3.83 -1.03
C ASN A 201 -22.41 -4.15 -2.09
N PHE A 202 -23.17 -3.15 -2.53
CA PHE A 202 -24.26 -3.40 -3.47
C PHE A 202 -23.81 -3.95 -4.83
N PRO A 203 -22.74 -3.47 -5.48
CA PRO A 203 -22.32 -4.14 -6.72
C PRO A 203 -21.92 -5.59 -6.49
N LYS A 204 -21.29 -5.86 -5.35
CA LYS A 204 -20.93 -7.24 -5.02
C LYS A 204 -22.18 -8.10 -4.86
N PHE A 205 -23.20 -7.56 -4.21
CA PHE A 205 -24.44 -8.30 -4.06
C PHE A 205 -25.12 -8.52 -5.41
N LYS A 206 -25.06 -7.52 -6.28
CA LYS A 206 -25.70 -7.64 -7.59
C LYS A 206 -25.02 -8.70 -8.44
N GLU A 207 -23.69 -8.68 -8.48
CA GLU A 207 -22.99 -9.70 -9.26
C GLU A 207 -23.15 -11.07 -8.63
N ASN A 208 -23.28 -11.13 -7.30
CA ASN A 208 -23.54 -12.41 -6.66
C ASN A 208 -24.92 -12.94 -7.05
N CYS A 209 -25.90 -12.03 -7.12
CA CYS A 209 -27.23 -12.41 -7.62
C CYS A 209 -27.14 -12.96 -9.04
N HIS A 210 -26.36 -12.31 -9.88
CA HIS A 210 -26.33 -12.72 -11.27
C HIS A 210 -25.55 -14.02 -11.47
N ILE A 211 -24.47 -14.20 -10.71
CA ILE A 211 -23.74 -15.46 -10.84
C ILE A 211 -24.56 -16.59 -10.24
N PHE A 212 -25.37 -16.31 -9.21
CA PHE A 212 -26.24 -17.35 -8.67
C PHE A 212 -27.30 -17.77 -9.66
N THR A 213 -27.95 -16.79 -10.32
CA THR A 213 -28.99 -17.18 -11.25
C THR A 213 -28.40 -17.82 -12.50
N ARG A 214 -27.16 -17.46 -12.87
CA ARG A 214 -26.49 -18.16 -13.96
C ARG A 214 -26.15 -19.58 -13.56
N LEU A 215 -25.74 -19.79 -12.31
CA LEU A 215 -25.47 -21.14 -11.84
C LEU A 215 -26.75 -21.97 -11.82
N ILE A 216 -27.87 -21.34 -11.46
CA ILE A 216 -29.14 -22.05 -11.42
C ILE A 216 -29.56 -22.47 -12.81
N THR A 217 -29.51 -21.54 -13.77
CA THR A 217 -29.93 -21.90 -15.12
C THR A 217 -28.92 -22.79 -15.82
N ALA A 218 -27.67 -22.82 -15.34
CA ALA A 218 -26.69 -23.74 -15.92
C ALA A 218 -27.02 -25.17 -15.54
N VAL A 219 -27.30 -25.42 -14.27
CA VAL A 219 -27.70 -26.74 -13.80
C VAL A 219 -28.54 -26.56 -12.54
N PRO A 220 -29.75 -27.12 -12.51
CA PRO A 220 -30.63 -26.94 -11.35
C PRO A 220 -30.39 -27.93 -10.21
N SER A 221 -29.39 -28.80 -10.34
CA SER A 221 -29.16 -29.82 -9.32
C SER A 221 -28.68 -29.21 -8.01
N LEU A 222 -27.85 -28.17 -8.07
CA LEU A 222 -27.29 -27.61 -6.85
C LEU A 222 -28.26 -26.71 -6.11
N ARG A 223 -29.44 -26.45 -6.68
CA ARG A 223 -30.48 -25.79 -5.91
C ARG A 223 -30.85 -26.60 -4.69
N GLU A 224 -30.94 -27.92 -4.84
CA GLU A 224 -31.10 -28.78 -3.69
C GLU A 224 -29.91 -28.70 -2.76
N HIS A 225 -28.69 -28.65 -3.33
CA HIS A 225 -27.49 -28.52 -2.50
C HIS A 225 -27.51 -27.22 -1.70
N PHE A 226 -27.98 -26.13 -2.32
CA PHE A 226 -27.92 -24.85 -1.65
C PHE A 226 -28.94 -24.76 -0.54
N GLU A 227 -30.16 -25.26 -0.77
CA GLU A 227 -31.14 -25.33 0.30
C GLU A 227 -30.66 -26.25 1.40
N ASN A 228 -29.99 -27.34 1.02
CA ASN A 228 -29.45 -28.27 2.00
C ASN A 228 -28.41 -27.61 2.88
N VAL A 229 -27.50 -26.83 2.28
CA VAL A 229 -26.45 -26.22 3.08
C VAL A 229 -27.01 -25.04 3.87
N LYS A 230 -28.09 -24.43 3.40
CA LYS A 230 -28.75 -23.40 4.20
C LYS A 230 -29.41 -24.01 5.42
N LYS A 231 -30.04 -25.16 5.25
CA LYS A 231 -30.65 -25.84 6.39
C LYS A 231 -29.58 -26.31 7.37
N ALA A 232 -28.45 -26.79 6.84
CA ALA A 232 -27.37 -27.23 7.71
C ALA A 232 -26.77 -26.07 8.49
N ILE A 233 -26.61 -24.92 7.82
CA ILE A 233 -26.03 -23.78 8.51
C ILE A 233 -27.06 -23.07 9.39
N GLY A 234 -28.34 -23.28 9.14
CA GLY A 234 -29.38 -22.70 9.99
C GLY A 234 -29.44 -21.18 9.99
N ILE A 235 -29.23 -20.56 8.83
CA ILE A 235 -29.22 -19.11 8.71
C ILE A 235 -30.27 -18.71 7.68
N PHE A 236 -30.99 -17.63 7.97
CA PHE A 236 -32.05 -17.09 7.11
C PHE A 236 -33.13 -18.14 6.87
N VAL A 237 -33.63 -18.70 7.97
CA VAL A 237 -34.50 -19.85 7.89
C VAL A 237 -35.87 -19.51 7.34
N SER A 238 -36.20 -18.22 7.22
CA SER A 238 -37.53 -17.82 6.79
C SER A 238 -37.62 -17.48 5.32
N THR A 239 -36.58 -17.74 4.53
CA THR A 239 -36.58 -17.35 3.12
C THR A 239 -35.97 -18.44 2.26
N SER A 240 -36.31 -18.41 0.98
CA SER A 240 -35.75 -19.37 0.04
C SER A 240 -34.33 -18.97 -0.34
N ILE A 241 -33.56 -19.98 -0.77
CA ILE A 241 -32.20 -19.73 -1.22
C ILE A 241 -32.20 -18.98 -2.54
N GLU A 242 -33.31 -18.99 -3.28
CA GLU A 242 -33.43 -18.09 -4.41
C GLU A 242 -33.69 -16.66 -3.96
N GLU A 243 -34.55 -16.50 -2.96
CA GLU A 243 -35.03 -15.17 -2.60
C GLU A 243 -33.93 -14.35 -1.91
N VAL A 244 -33.00 -15.01 -1.23
CA VAL A 244 -31.91 -14.28 -0.59
C VAL A 244 -31.02 -13.62 -1.61
N PHE A 245 -30.89 -14.19 -2.81
CA PHE A 245 -30.11 -13.58 -3.87
C PHE A 245 -31.00 -12.79 -4.81
N SER A 246 -32.03 -12.16 -4.26
CA SER A 246 -32.87 -11.25 -5.00
C SER A 246 -32.66 -9.83 -4.48
N PHE A 247 -32.85 -8.87 -5.37
CA PHE A 247 -32.65 -7.46 -5.03
C PHE A 247 -33.47 -6.96 -3.85
N PRO A 248 -34.77 -7.29 -3.69
CA PRO A 248 -35.48 -6.80 -2.49
C PRO A 248 -34.93 -7.31 -1.19
N PHE A 249 -34.17 -8.40 -1.19
CA PHE A 249 -33.57 -8.86 0.05
C PHE A 249 -32.41 -7.98 0.49
N TYR A 250 -31.89 -7.14 -0.39
CA TYR A 250 -30.88 -6.16 -0.01
C TYR A 250 -31.46 -4.99 0.77
N ASN A 251 -32.76 -5.00 1.04
CA ASN A 251 -33.29 -4.11 2.07
C ASN A 251 -32.85 -4.56 3.45
N GLN A 252 -32.56 -5.84 3.61
CA GLN A 252 -31.74 -6.30 4.73
C GLN A 252 -30.29 -6.05 4.35
N LEU A 253 -29.36 -6.68 5.09
CA LEU A 253 -27.94 -6.65 4.78
C LEU A 253 -27.37 -5.25 4.87
N LEU A 254 -27.95 -4.43 5.74
CA LEU A 254 -27.42 -3.10 5.98
C LEU A 254 -26.76 -3.00 7.34
N THR A 255 -27.38 -3.58 8.36
CA THR A 255 -26.71 -3.71 9.64
C THR A 255 -25.61 -4.74 9.54
N GLN A 256 -24.75 -4.74 10.56
CA GLN A 256 -23.59 -5.63 10.54
C GLN A 256 -23.99 -7.08 10.66
N THR A 257 -25.01 -7.39 11.45
CA THR A 257 -25.35 -8.77 11.75
C THR A 257 -25.78 -9.53 10.50
N GLN A 258 -26.57 -8.89 9.64
CA GLN A 258 -26.98 -9.56 8.41
C GLN A 258 -25.79 -9.74 7.47
N ILE A 259 -24.88 -8.77 7.44
CA ILE A 259 -23.65 -8.91 6.67
C ILE A 259 -22.85 -10.09 7.16
N ASP A 260 -22.72 -10.22 8.49
CA ASP A 260 -21.99 -11.33 9.08
C ASP A 260 -22.64 -12.65 8.72
N LEU A 261 -23.97 -12.72 8.79
CA LEU A 261 -24.66 -13.95 8.45
C LEU A 261 -24.48 -14.31 6.99
N TYR A 262 -24.50 -13.32 6.11
CA TYR A 262 -24.27 -13.56 4.69
C TYR A 262 -22.87 -14.09 4.45
N ASN A 263 -21.87 -13.51 5.11
CA ASN A 263 -20.51 -13.99 4.95
C ASN A 263 -20.34 -15.38 5.51
N GLN A 264 -21.04 -15.69 6.61
CA GLN A 264 -20.98 -17.05 7.14
C GLN A 264 -21.64 -18.04 6.19
N LEU A 265 -22.71 -17.61 5.53
CA LEU A 265 -23.35 -18.45 4.54
C LEU A 265 -22.41 -18.73 3.37
N LEU A 266 -21.65 -17.73 2.96
CA LEU A 266 -20.67 -17.96 1.91
C LEU A 266 -19.54 -18.86 2.38
N GLY A 267 -19.06 -18.67 3.61
CA GLY A 267 -17.86 -19.35 4.07
C GLY A 267 -18.12 -20.63 4.83
N GLY A 268 -19.09 -20.60 5.73
CA GLY A 268 -19.35 -21.78 6.54
C GLY A 268 -18.81 -21.62 7.93
N ILE A 269 -19.53 -22.17 8.90
CA ILE A 269 -19.13 -22.08 10.30
C ILE A 269 -17.94 -22.99 10.54
N SER A 270 -16.94 -22.47 11.24
CA SER A 270 -15.81 -23.27 11.67
C SER A 270 -16.02 -23.67 13.12
N ARG A 271 -16.01 -24.96 13.38
CA ARG A 271 -16.20 -25.47 14.73
C ARG A 271 -14.88 -25.36 15.49
N GLU A 272 -14.83 -26.00 16.65
CA GLU A 272 -13.61 -26.07 17.44
C GLU A 272 -12.57 -26.92 16.72
N ALA A 273 -11.34 -26.84 17.20
CA ALA A 273 -10.21 -27.50 16.54
C ALA A 273 -10.35 -29.02 16.61
N GLY A 274 -9.85 -29.69 15.58
CA GLY A 274 -9.95 -31.13 15.51
C GLY A 274 -11.34 -31.65 15.22
N THR A 275 -12.20 -30.82 14.63
CA THR A 275 -13.57 -31.20 14.35
C THR A 275 -13.88 -30.87 12.90
N GLU A 276 -14.85 -31.59 12.34
CA GLU A 276 -15.28 -31.33 10.97
C GLU A 276 -15.87 -29.94 10.87
N LYS A 277 -15.60 -29.27 9.76
CA LYS A 277 -16.04 -27.89 9.54
C LYS A 277 -17.24 -27.88 8.60
N ILE A 278 -18.28 -27.16 9.00
CA ILE A 278 -19.46 -27.03 8.15
C ILE A 278 -19.12 -26.16 6.95
N LYS A 279 -19.26 -26.74 5.76
CA LYS A 279 -18.81 -26.08 4.55
C LYS A 279 -19.78 -24.97 4.13
N GLY A 280 -19.23 -24.00 3.40
CA GLY A 280 -19.99 -22.89 2.88
C GLY A 280 -20.25 -22.99 1.40
N LEU A 281 -20.73 -21.89 0.83
CA LEU A 281 -21.13 -21.89 -0.57
C LEU A 281 -19.92 -22.01 -1.50
N ASN A 282 -18.90 -21.19 -1.27
CA ASN A 282 -17.69 -21.28 -2.06
C ASN A 282 -17.02 -22.63 -1.86
N GLU A 283 -17.12 -23.18 -0.66
CA GLU A 283 -16.48 -24.45 -0.39
C GLU A 283 -17.17 -25.59 -1.12
N VAL A 284 -18.51 -25.63 -1.09
CA VAL A 284 -19.20 -26.70 -1.80
C VAL A 284 -19.05 -26.54 -3.30
N LEU A 285 -18.96 -25.30 -3.77
CA LEU A 285 -18.77 -25.10 -5.20
C LEU A 285 -17.37 -25.53 -5.61
N ASN A 286 -16.37 -25.29 -4.75
CA ASN A 286 -15.02 -25.75 -5.02
C ASN A 286 -14.93 -27.26 -4.97
N LEU A 287 -15.70 -27.89 -4.07
CA LEU A 287 -15.73 -29.34 -4.04
C LEU A 287 -16.36 -29.88 -5.31
N ALA A 288 -17.37 -29.20 -5.83
CA ALA A 288 -17.94 -29.59 -7.11
C ALA A 288 -16.93 -29.43 -8.24
N ILE A 289 -16.13 -28.37 -8.22
CA ILE A 289 -15.15 -28.18 -9.29
C ILE A 289 -14.00 -29.16 -9.14
N GLN A 290 -13.80 -29.70 -7.94
CA GLN A 290 -12.67 -30.59 -7.72
C GLN A 290 -12.99 -32.04 -8.04
N LYS A 291 -14.23 -32.34 -8.44
CA LYS A 291 -14.58 -33.70 -8.81
C LYS A 291 -14.22 -34.02 -10.25
N ASN A 292 -13.83 -33.01 -11.04
CA ASN A 292 -13.43 -33.17 -12.44
C ASN A 292 -14.51 -33.83 -13.28
N ASP A 293 -15.76 -33.45 -13.02
CA ASP A 293 -16.87 -33.95 -13.82
C ASP A 293 -17.04 -33.08 -15.07
N GLU A 294 -17.80 -33.61 -16.03
CA GLU A 294 -18.22 -32.78 -17.16
C GLU A 294 -19.11 -31.64 -16.70
N THR A 295 -19.91 -31.85 -15.67
CA THR A 295 -20.65 -30.75 -15.06
C THR A 295 -19.69 -29.73 -14.47
N ALA A 296 -18.59 -30.21 -13.87
CA ALA A 296 -17.56 -29.28 -13.40
C ALA A 296 -16.93 -28.53 -14.56
N HIS A 297 -16.77 -29.19 -15.71
CA HIS A 297 -16.32 -28.48 -16.90
C HIS A 297 -17.32 -27.41 -17.32
N ILE A 298 -18.61 -27.67 -17.14
CA ILE A 298 -19.61 -26.63 -17.33
C ILE A 298 -19.41 -25.53 -16.31
N ILE A 299 -19.16 -25.91 -15.05
CA ILE A 299 -18.93 -24.91 -14.01
C ILE A 299 -17.61 -24.17 -14.24
N ALA A 300 -16.58 -24.89 -14.67
CA ALA A 300 -15.29 -24.24 -14.94
C ALA A 300 -15.40 -23.23 -16.06
N SER A 301 -16.33 -23.42 -16.98
CA SER A 301 -16.61 -22.44 -18.01
C SER A 301 -17.29 -21.19 -17.47
N LEU A 302 -17.80 -21.23 -16.25
CA LEU A 302 -18.49 -20.11 -15.64
C LEU A 302 -17.65 -19.56 -14.49
N PRO A 303 -17.89 -18.33 -14.06
CA PRO A 303 -17.33 -17.87 -12.80
C PRO A 303 -17.85 -18.74 -11.67
N HIS A 304 -16.97 -19.04 -10.71
CA HIS A 304 -17.26 -20.11 -9.76
C HIS A 304 -16.86 -19.72 -8.34
N ARG A 305 -17.02 -18.46 -7.97
CA ARG A 305 -16.77 -18.07 -6.59
C ARG A 305 -17.58 -16.85 -6.24
N PHE A 306 -18.38 -16.96 -5.19
CA PHE A 306 -19.06 -15.79 -4.65
C PHE A 306 -18.07 -14.88 -3.96
N ILE A 307 -18.44 -13.63 -3.80
CA ILE A 307 -17.58 -12.60 -3.21
C ILE A 307 -18.19 -12.18 -1.88
N PRO A 308 -17.46 -12.24 -0.78
CA PRO A 308 -17.99 -11.77 0.49
C PRO A 308 -18.17 -10.26 0.50
N LEU A 309 -19.10 -9.80 1.30
CA LEU A 309 -19.37 -8.37 1.38
C LEU A 309 -18.41 -7.70 2.35
N PHE A 310 -18.24 -6.40 2.19
CA PHE A 310 -17.36 -5.63 3.05
C PHE A 310 -18.05 -5.33 4.36
N LYS A 311 -17.22 -5.17 5.39
CA LYS A 311 -17.73 -4.99 6.74
C LYS A 311 -18.31 -3.59 6.89
N GLN A 312 -19.47 -3.50 7.54
CA GLN A 312 -20.08 -2.21 7.84
C GLN A 312 -19.21 -1.44 8.82
N ILE A 313 -19.17 -0.11 8.64
CA ILE A 313 -18.21 0.70 9.38
C ILE A 313 -18.61 0.80 10.85
N LEU A 314 -17.59 0.99 11.70
CA LEU A 314 -17.67 1.19 13.14
C LEU A 314 -18.17 -0.03 13.92
N SER A 315 -18.53 -1.11 13.25
CA SER A 315 -19.11 -2.22 13.98
C SER A 315 -18.02 -3.20 14.40
N ASP A 316 -18.41 -4.36 14.87
CA ASP A 316 -17.51 -5.34 15.44
C ASP A 316 -17.77 -6.71 14.82
N ARG A 317 -17.10 -7.72 15.36
CA ARG A 317 -17.14 -9.09 14.85
C ARG A 317 -18.06 -9.95 15.71
N ASN A 318 -19.00 -10.63 15.07
CA ASN A 318 -19.97 -11.46 15.77
C ASN A 318 -20.17 -12.77 15.02
N THR A 319 -19.08 -13.40 14.62
CA THR A 319 -19.15 -14.63 13.85
C THR A 319 -19.66 -15.80 14.70
N LEU A 320 -20.26 -16.78 14.02
CA LEU A 320 -20.70 -17.99 14.69
C LEU A 320 -19.60 -19.02 14.82
N SER A 321 -18.48 -18.82 14.15
CA SER A 321 -17.39 -19.79 14.20
C SER A 321 -16.72 -19.75 15.57
N PHE A 322 -16.01 -20.83 15.88
CA PHE A 322 -15.43 -20.98 17.21
C PHE A 322 -14.28 -20.00 17.41
N ILE A 323 -14.28 -19.34 18.56
CA ILE A 323 -13.22 -18.43 18.94
C ILE A 323 -12.46 -19.06 20.09
N LEU A 324 -11.15 -19.15 19.96
CA LEU A 324 -10.33 -19.70 21.02
C LEU A 324 -9.95 -18.61 22.00
N GLU A 325 -10.13 -18.88 23.29
CA GLU A 325 -9.72 -17.97 24.33
C GLU A 325 -8.20 -17.81 24.34
N GLU A 326 -7.75 -16.57 24.53
CA GLU A 326 -6.32 -16.25 24.45
C GLU A 326 -5.74 -16.10 25.84
N PHE A 327 -4.42 -16.29 25.91
CA PHE A 327 -3.70 -16.19 27.16
C PHE A 327 -3.47 -14.73 27.54
N LYS A 328 -3.14 -14.52 28.81
CA LYS A 328 -2.98 -13.18 29.35
C LYS A 328 -1.55 -12.84 29.72
N SER A 329 -0.87 -13.68 30.49
CA SER A 329 0.42 -13.33 31.04
C SER A 329 1.41 -14.46 30.85
N ASP A 330 2.69 -14.11 30.93
CA ASP A 330 3.75 -15.09 30.78
C ASP A 330 3.73 -16.11 31.90
N GLU A 331 3.53 -15.66 33.13
CA GLU A 331 3.48 -16.59 34.26
C GLU A 331 2.33 -17.57 34.13
N GLU A 332 1.21 -17.11 33.57
CA GLU A 332 0.06 -17.99 33.35
C GLU A 332 0.42 -19.10 32.36
N VAL A 333 1.01 -18.73 31.23
CA VAL A 333 1.33 -19.73 30.22
C VAL A 333 2.40 -20.70 30.72
N ILE A 334 3.37 -20.20 31.50
CA ILE A 334 4.42 -21.11 31.93
C ILE A 334 3.93 -22.01 33.04
N GLN A 335 3.04 -21.53 33.91
CA GLN A 335 2.54 -22.41 34.95
C GLN A 335 1.58 -23.44 34.36
N SER A 336 0.75 -23.02 33.40
CA SER A 336 -0.13 -23.96 32.72
C SER A 336 0.67 -25.03 31.98
N PHE A 337 1.75 -24.62 31.30
CA PHE A 337 2.52 -25.60 30.56
C PHE A 337 3.34 -26.48 31.49
N CYS A 338 3.83 -25.93 32.60
CA CYS A 338 4.57 -26.73 33.57
C CYS A 338 3.67 -27.80 34.16
N LYS A 339 2.44 -27.44 34.49
CA LYS A 339 1.56 -28.42 35.09
C LYS A 339 1.02 -29.40 34.04
N TYR A 340 0.84 -28.95 32.80
CA TYR A 340 0.48 -29.88 31.73
C TYR A 340 1.60 -30.89 31.49
N LYS A 341 2.84 -30.42 31.48
CA LYS A 341 3.98 -31.30 31.28
C LYS A 341 4.11 -32.30 32.43
N THR A 342 3.95 -31.83 33.67
CA THR A 342 4.04 -32.76 34.80
C THR A 342 2.90 -33.75 34.79
N LEU A 343 1.70 -33.33 34.37
CA LEU A 343 0.58 -34.25 34.24
C LEU A 343 0.87 -35.30 33.18
N LEU A 344 1.42 -34.87 32.05
CA LEU A 344 1.75 -35.81 30.98
C LEU A 344 2.83 -36.78 31.40
N ARG A 345 3.82 -36.29 32.15
CA ARG A 345 4.91 -37.13 32.62
C ARG A 345 4.43 -38.14 33.66
N ASN A 346 3.64 -37.67 34.63
CA ASN A 346 3.15 -38.54 35.69
C ASN A 346 2.09 -39.49 35.17
N GLU A 347 1.46 -39.15 34.03
CA GLU A 347 0.56 -40.08 33.38
C GLU A 347 1.31 -41.16 32.62
N ASN A 348 2.63 -41.04 32.50
CA ASN A 348 3.51 -42.04 31.89
C ASN A 348 3.10 -42.36 30.47
N VAL A 349 2.76 -41.31 29.73
CA VAL A 349 2.30 -41.46 28.36
C VAL A 349 3.40 -42.00 27.46
N LEU A 350 4.66 -41.71 27.80
CA LEU A 350 5.77 -42.13 26.96
C LEU A 350 5.98 -43.63 27.01
N GLU A 351 5.87 -44.23 28.19
CA GLU A 351 6.13 -45.65 28.33
C GLU A 351 5.08 -46.49 27.62
N THR A 352 3.81 -46.14 27.80
CA THR A 352 2.76 -46.85 27.07
C THR A 352 2.83 -46.55 25.59
N ALA A 353 3.30 -45.36 25.21
CA ALA A 353 3.53 -45.08 23.79
C ALA A 353 4.59 -46.01 23.22
N GLU A 354 5.69 -46.21 23.96
CA GLU A 354 6.75 -47.13 23.54
C GLU A 354 6.21 -48.53 23.41
N ALA A 355 5.40 -48.96 24.38
CA ALA A 355 4.75 -50.26 24.29
C ALA A 355 3.85 -50.36 23.07
N LEU A 356 3.23 -49.25 22.68
CA LEU A 356 2.40 -49.26 21.48
C LEU A 356 3.23 -49.41 20.21
N PHE A 357 4.42 -48.78 20.16
CA PHE A 357 5.19 -48.84 18.92
C PHE A 357 5.77 -50.23 18.69
N ASN A 358 6.38 -50.83 19.71
CA ASN A 358 6.97 -52.15 19.54
C ASN A 358 5.93 -53.25 19.42
N GLU A 359 4.67 -52.95 19.74
CA GLU A 359 3.60 -53.92 19.56
C GLU A 359 3.37 -54.23 18.09
N LEU A 360 3.65 -53.26 17.21
CA LEU A 360 3.42 -53.42 15.77
C LEU A 360 4.21 -54.58 15.20
N ASN A 361 5.43 -54.79 15.69
CA ASN A 361 6.24 -55.91 15.23
C ASN A 361 5.71 -57.25 15.71
N SER A 362 4.80 -57.26 16.69
CA SER A 362 4.26 -58.48 17.27
C SER A 362 2.74 -58.46 17.24
N ILE A 363 2.17 -57.97 16.14
CA ILE A 363 0.73 -57.88 15.99
C ILE A 363 0.37 -58.30 14.57
N ASP A 364 -0.88 -58.74 14.39
CA ASP A 364 -1.41 -59.01 13.06
C ASP A 364 -1.59 -57.68 12.35
N LEU A 365 -0.72 -57.40 11.38
CA LEU A 365 -0.62 -56.07 10.81
C LEU A 365 -1.80 -55.72 9.92
N THR A 366 -2.59 -56.71 9.49
CA THR A 366 -3.79 -56.40 8.74
C THR A 366 -4.94 -56.00 9.64
N HIS A 367 -4.78 -56.14 10.96
CA HIS A 367 -5.86 -55.86 11.89
C HIS A 367 -5.80 -54.41 12.37
N ILE A 368 -4.88 -53.61 11.83
CA ILE A 368 -4.69 -52.21 12.17
C ILE A 368 -4.71 -51.40 10.88
N PHE A 369 -5.50 -50.33 10.86
CA PHE A 369 -5.74 -49.57 9.64
C PHE A 369 -5.22 -48.15 9.77
N ILE A 370 -4.94 -47.54 8.61
CA ILE A 370 -4.39 -46.20 8.51
C ILE A 370 -5.40 -45.33 7.78
N SER A 371 -5.65 -44.13 8.30
CA SER A 371 -6.63 -43.24 7.71
C SER A 371 -6.23 -42.83 6.30
N HIS A 372 -7.19 -42.91 5.38
CA HIS A 372 -6.92 -42.63 3.98
C HIS A 372 -6.61 -41.16 3.72
N LYS A 373 -7.01 -40.28 4.62
CA LYS A 373 -6.72 -38.86 4.46
C LYS A 373 -5.39 -38.46 5.08
N LYS A 374 -4.64 -39.41 5.62
CA LYS A 374 -3.34 -39.11 6.20
C LYS A 374 -2.21 -39.91 5.57
N LEU A 375 -2.52 -40.87 4.72
CA LEU A 375 -1.49 -41.74 4.17
C LEU A 375 -0.56 -41.03 3.21
N GLU A 376 -1.03 -39.98 2.54
CA GLU A 376 -0.15 -39.24 1.64
C GLU A 376 0.88 -38.45 2.42
N THR A 377 0.52 -37.98 3.61
CA THR A 377 1.49 -37.35 4.50
C THR A 377 2.57 -38.33 4.89
N ILE A 378 2.17 -39.57 5.18
CA ILE A 378 3.14 -40.61 5.53
C ILE A 378 4.03 -40.93 4.35
N SER A 379 3.46 -40.96 3.15
CA SER A 379 4.24 -41.21 1.94
C SER A 379 5.24 -40.09 1.69
N SER A 380 4.83 -38.84 1.91
CA SER A 380 5.74 -37.72 1.78
C SER A 380 6.84 -37.77 2.84
N ALA A 381 6.49 -38.15 4.06
CA ALA A 381 7.45 -38.13 5.15
C ALA A 381 8.44 -39.30 5.05
N LEU A 382 8.03 -40.39 4.42
CA LEU A 382 8.83 -41.61 4.39
C LEU A 382 9.37 -41.94 3.01
N CYS A 383 9.06 -41.14 2.00
CA CYS A 383 9.58 -41.36 0.67
C CYS A 383 9.86 -40.02 0.00
N ASP A 384 10.36 -40.09 -1.23
CA ASP A 384 10.73 -38.88 -1.96
C ASP A 384 9.53 -38.11 -2.49
N HIS A 385 8.36 -38.74 -2.53
CA HIS A 385 7.19 -38.05 -3.04
C HIS A 385 5.96 -38.53 -2.27
N TRP A 386 4.93 -37.68 -2.27
CA TRP A 386 3.65 -38.05 -1.71
C TRP A 386 3.00 -39.18 -2.50
N ASP A 387 3.25 -39.26 -3.80
CA ASP A 387 2.59 -40.22 -4.66
C ASP A 387 3.31 -41.56 -4.70
N THR A 388 4.38 -41.70 -3.92
CA THR A 388 5.19 -42.91 -3.95
C THR A 388 4.39 -44.13 -3.53
N LEU A 389 3.98 -44.16 -2.26
CA LEU A 389 3.26 -45.32 -1.76
C LEU A 389 1.84 -45.37 -2.28
N ARG A 390 1.28 -44.22 -2.67
CA ARG A 390 -0.01 -44.21 -3.34
C ARG A 390 0.05 -45.00 -4.64
N ASN A 391 1.04 -44.69 -5.48
CA ASN A 391 1.20 -45.43 -6.72
C ASN A 391 1.64 -46.87 -6.47
N ALA A 392 2.37 -47.11 -5.36
CA ALA A 392 2.76 -48.48 -5.02
C ALA A 392 1.53 -49.35 -4.75
N LEU A 393 0.62 -48.85 -3.91
CA LEU A 393 -0.62 -49.57 -3.67
C LEU A 393 -1.48 -49.64 -4.92
N TYR A 394 -1.50 -48.57 -5.72
CA TYR A 394 -2.30 -48.56 -6.94
C TYR A 394 -1.84 -49.65 -7.89
N GLU A 395 -0.54 -49.77 -8.11
CA GLU A 395 -0.04 -50.78 -9.03
C GLU A 395 -0.03 -52.16 -8.41
N ARG A 396 -0.02 -52.27 -7.07
CA ARG A 396 -0.22 -53.57 -6.46
C ARG A 396 -1.64 -54.07 -6.69
N ARG A 397 -2.64 -53.21 -6.45
CA ARG A 397 -4.02 -53.61 -6.67
C ARG A 397 -4.31 -53.82 -8.15
N ILE A 398 -3.60 -53.09 -9.03
CA ILE A 398 -3.72 -53.33 -10.46
C ILE A 398 -3.09 -54.68 -10.82
N SER A 399 -1.94 -54.98 -10.24
CA SER A 399 -1.19 -56.19 -10.59
C SER A 399 -1.90 -57.47 -10.15
N GLU A 400 -2.76 -57.39 -9.16
CA GLU A 400 -3.48 -58.56 -8.67
C GLU A 400 -4.86 -58.70 -9.30
N LEU A 401 -5.17 -57.91 -10.32
CA LEU A 401 -6.45 -58.01 -11.02
C LEU A 401 -6.49 -59.24 -11.90
N LYS A 407 -9.95 -50.78 -18.23
CA LYS A 407 -10.14 -49.34 -18.16
C LYS A 407 -10.85 -48.94 -16.87
N SER A 408 -12.13 -49.35 -16.77
CA SER A 408 -12.91 -49.04 -15.57
C SER A 408 -12.43 -49.83 -14.37
N ALA A 409 -11.68 -50.92 -14.58
CA ALA A 409 -11.12 -51.67 -13.46
C ALA A 409 -10.15 -50.82 -12.66
N LYS A 410 -9.33 -50.03 -13.36
CA LYS A 410 -8.42 -49.10 -12.68
C LYS A 410 -9.21 -48.04 -11.92
N GLU A 411 -10.34 -47.62 -12.48
CA GLU A 411 -11.23 -46.67 -11.80
C GLU A 411 -11.75 -47.26 -10.50
N LYS A 412 -12.21 -48.51 -10.52
CA LYS A 412 -12.65 -49.14 -9.28
C LYS A 412 -11.50 -49.33 -8.31
N VAL A 413 -10.29 -49.58 -8.82
CA VAL A 413 -9.13 -49.74 -7.96
C VAL A 413 -8.82 -48.44 -7.21
N GLN A 414 -8.76 -47.33 -7.94
CA GLN A 414 -8.49 -46.06 -7.29
C GLN A 414 -9.65 -45.62 -6.39
N ARG A 415 -10.88 -45.95 -6.78
CA ARG A 415 -12.02 -45.63 -5.95
C ARG A 415 -11.96 -46.38 -4.63
N SER A 416 -11.63 -47.67 -4.67
CA SER A 416 -11.48 -48.47 -3.47
C SER A 416 -10.23 -48.12 -2.68
N LEU A 417 -9.26 -47.47 -3.32
CA LEU A 417 -8.00 -47.17 -2.64
C LEU A 417 -8.02 -45.81 -1.96
N LYS A 418 -8.36 -44.75 -2.70
CA LYS A 418 -8.18 -43.39 -2.22
C LYS A 418 -9.15 -43.03 -1.10
N HIS A 419 -10.28 -43.72 -1.01
CA HIS A 419 -11.33 -43.35 -0.07
C HIS A 419 -11.38 -44.25 1.14
N GLU A 420 -11.03 -45.52 0.98
CA GLU A 420 -11.11 -46.48 2.07
C GLU A 420 -9.80 -46.51 2.84
N ASP A 421 -9.90 -46.66 4.16
CA ASP A 421 -8.72 -46.85 4.98
C ASP A 421 -8.16 -48.24 4.76
N ILE A 422 -6.84 -48.35 4.74
CA ILE A 422 -6.15 -49.57 4.32
C ILE A 422 -5.39 -50.14 5.51
N ASN A 423 -5.44 -51.46 5.63
CA ASN A 423 -4.75 -52.17 6.70
C ASN A 423 -3.23 -52.04 6.53
N LEU A 424 -2.52 -52.08 7.65
CA LEU A 424 -1.08 -51.84 7.64
C LEU A 424 -0.31 -52.95 6.95
N GLN A 425 -0.82 -54.19 6.99
CA GLN A 425 -0.13 -55.29 6.35
C GLN A 425 -0.06 -55.11 4.84
N GLU A 426 -1.15 -54.61 4.25
CA GLU A 426 -1.14 -54.30 2.83
C GLU A 426 -0.14 -53.21 2.50
N ILE A 427 -0.03 -52.21 3.38
CA ILE A 427 0.95 -51.14 3.20
C ILE A 427 2.37 -51.69 3.24
N ILE A 428 2.63 -52.60 4.18
CA ILE A 428 3.96 -53.19 4.28
C ILE A 428 4.25 -54.06 3.06
N SER A 429 3.25 -54.81 2.61
CA SER A 429 3.42 -55.69 1.46
C SER A 429 3.72 -54.91 0.18
N ALA A 430 2.99 -53.82 -0.04
CA ALA A 430 3.23 -53.02 -1.25
C ALA A 430 4.49 -52.17 -1.12
N ALA A 431 4.79 -51.73 0.10
CA ALA A 431 5.86 -50.76 0.32
C ALA A 431 7.22 -51.44 0.40
N GLY A 432 7.40 -52.28 1.40
CA GLY A 432 8.68 -52.91 1.67
C GLY A 432 9.18 -52.56 3.05
N LYS A 433 10.19 -53.31 3.49
CA LYS A 433 10.71 -53.15 4.84
C LYS A 433 11.56 -51.90 5.00
N GLU A 434 12.02 -51.31 3.91
CA GLU A 434 12.71 -50.04 4.01
C GLU A 434 11.79 -48.91 4.47
N LEU A 435 10.52 -48.94 4.06
CA LEU A 435 9.58 -48.00 4.66
C LEU A 435 9.29 -48.32 6.11
N SER A 436 9.35 -49.60 6.48
CA SER A 436 9.20 -49.96 7.89
C SER A 436 10.36 -49.41 8.72
N GLU A 437 11.58 -49.49 8.20
CA GLU A 437 12.72 -48.96 8.92
C GLU A 437 12.72 -47.44 8.94
N ALA A 438 12.23 -46.80 7.87
CA ALA A 438 12.08 -45.35 7.89
C ALA A 438 11.02 -44.94 8.90
N PHE A 439 9.95 -45.73 9.00
CA PHE A 439 8.90 -45.47 9.97
C PHE A 439 9.42 -45.57 11.39
N LYS A 440 10.16 -46.65 11.69
CA LYS A 440 10.67 -46.80 13.05
C LYS A 440 11.75 -45.77 13.36
N GLN A 441 12.51 -45.36 12.35
CA GLN A 441 13.47 -44.27 12.51
C GLN A 441 12.77 -42.96 12.85
N LYS A 442 11.71 -42.64 12.12
CA LYS A 442 11.00 -41.39 12.35
C LYS A 442 10.31 -41.39 13.70
N THR A 443 9.72 -42.53 14.09
CA THR A 443 9.09 -42.61 15.41
C THR A 443 10.13 -42.51 16.50
N SER A 444 11.32 -43.10 16.30
CA SER A 444 12.39 -42.97 17.27
C SER A 444 12.82 -41.52 17.42
N GLU A 445 12.92 -40.80 16.31
CA GLU A 445 13.26 -39.38 16.36
C GLU A 445 12.19 -38.59 17.10
N ILE A 446 10.92 -38.89 16.83
CA ILE A 446 9.83 -38.16 17.46
C ILE A 446 9.77 -38.41 18.96
N LEU A 447 9.92 -39.68 19.36
CA LEU A 447 9.91 -40.00 20.78
C LEU A 447 11.13 -39.42 21.49
N SER A 448 12.28 -39.39 20.81
CA SER A 448 13.44 -38.75 21.38
C SER A 448 13.20 -37.26 21.60
N HIS A 449 12.60 -36.61 20.62
CA HIS A 449 12.31 -35.18 20.74
C HIS A 449 11.33 -34.92 21.87
N ALA A 450 10.28 -35.74 21.97
CA ALA A 450 9.29 -35.54 23.02
C ALA A 450 9.87 -35.83 24.40
N HIS A 451 10.69 -36.88 24.50
CA HIS A 451 11.33 -37.19 25.77
C HIS A 451 12.29 -36.10 26.20
N ALA A 452 13.05 -35.56 25.25
CA ALA A 452 13.95 -34.46 25.57
C ALA A 452 13.17 -33.22 25.98
N ALA A 453 12.08 -32.93 25.28
CA ALA A 453 11.26 -31.77 25.59
C ALA A 453 10.65 -31.88 26.99
N LEU A 454 10.16 -33.08 27.33
CA LEU A 454 9.64 -33.29 28.67
C LEU A 454 10.73 -33.18 29.72
N ASP A 455 11.91 -33.74 29.43
CA ASP A 455 13.02 -33.63 30.36
C ASP A 455 13.55 -32.21 30.42
N GLN A 456 13.48 -31.46 29.34
CA GLN A 456 13.93 -30.08 29.34
C GLN A 456 12.94 -29.23 30.12
N PRO A 457 13.39 -28.51 31.14
CA PRO A 457 12.48 -27.61 31.86
C PRO A 457 12.12 -26.37 31.06
N LEU A 458 11.41 -25.45 31.70
CA LEU A 458 10.82 -24.33 31.02
C LEU A 458 11.25 -23.03 31.68
N PRO A 459 11.43 -21.96 30.91
CA PRO A 459 11.97 -20.71 31.47
C PRO A 459 10.94 -19.97 32.29
N THR A 460 11.41 -18.89 32.92
CA THR A 460 10.59 -18.10 33.83
C THR A 460 9.80 -17.00 33.14
N THR A 461 10.04 -16.76 31.86
CA THR A 461 9.24 -15.84 31.05
C THR A 461 9.45 -16.20 29.59
N LEU A 462 8.98 -15.32 28.70
CA LEU A 462 9.25 -15.50 27.28
C LEU A 462 9.57 -14.18 26.58
N LYS A 463 9.97 -13.16 27.34
CA LYS A 463 10.27 -11.87 26.72
C LYS A 463 11.54 -11.95 25.88
N LYS A 464 12.45 -12.86 26.23
CA LYS A 464 13.60 -13.12 25.37
C LYS A 464 13.22 -14.06 24.25
N GLN A 465 13.98 -13.98 23.16
CA GLN A 465 13.67 -14.82 22.01
C GLN A 465 14.02 -16.28 22.26
N GLU A 466 15.06 -16.54 23.05
CA GLU A 466 15.50 -17.91 23.27
C GLU A 466 14.49 -18.70 24.09
N GLU A 467 13.80 -18.03 25.01
CA GLU A 467 12.73 -18.67 25.76
C GLU A 467 11.58 -19.07 24.84
N LYS A 468 11.21 -18.16 23.93
CA LYS A 468 10.22 -18.47 22.92
C LYS A 468 10.68 -19.62 22.04
N GLU A 469 11.97 -19.67 21.73
CA GLU A 469 12.52 -20.74 20.91
C GLU A 469 12.41 -22.09 21.60
N ILE A 470 12.79 -22.17 22.87
CA ILE A 470 12.80 -23.47 23.54
C ILE A 470 11.38 -23.94 23.77
N LEU A 471 10.46 -23.03 24.13
CA LEU A 471 9.08 -23.45 24.31
C LEU A 471 8.45 -23.86 22.99
N LYS A 472 8.78 -23.14 21.90
CA LYS A 472 8.29 -23.48 20.58
C LYS A 472 8.80 -24.84 20.15
N SER A 473 10.05 -25.15 20.47
CA SER A 473 10.63 -26.45 20.13
C SER A 473 9.93 -27.57 20.88
N GLN A 474 9.72 -27.38 22.19
CA GLN A 474 9.09 -28.43 22.99
C GLN A 474 7.66 -28.69 22.52
N LEU A 475 6.87 -27.62 22.40
CA LEU A 475 5.50 -27.76 21.95
C LEU A 475 5.41 -28.24 20.51
N ASP A 476 6.43 -27.93 19.70
CA ASP A 476 6.50 -28.43 18.34
C ASP A 476 6.67 -29.93 18.31
N SER A 477 7.57 -30.45 19.15
CA SER A 477 7.73 -31.89 19.28
C SER A 477 6.44 -32.52 19.78
N LEU A 478 5.71 -31.81 20.64
CA LEU A 478 4.45 -32.33 21.13
C LEU A 478 3.43 -32.52 20.02
N LEU A 479 3.18 -31.49 19.20
CA LEU A 479 2.13 -31.75 18.20
C LEU A 479 2.66 -32.56 17.04
N GLY A 480 3.97 -32.66 16.87
CA GLY A 480 4.51 -33.68 15.97
C GLY A 480 4.18 -35.07 16.43
N LEU A 481 4.31 -35.33 17.74
CA LEU A 481 3.89 -36.60 18.30
C LEU A 481 2.41 -36.82 18.11
N TYR A 482 1.62 -35.74 18.24
CA TYR A 482 0.18 -35.86 18.01
C TYR A 482 -0.13 -36.24 16.57
N HIS A 483 0.58 -35.63 15.62
CA HIS A 483 0.38 -35.95 14.21
C HIS A 483 0.78 -37.38 13.93
N LEU A 484 1.83 -37.86 14.59
CA LEU A 484 2.18 -39.28 14.49
C LEU A 484 1.06 -40.15 15.02
N LEU A 485 0.50 -39.77 16.17
CA LEU A 485 -0.55 -40.57 16.79
C LEU A 485 -1.82 -40.61 15.97
N ASP A 486 -2.10 -39.57 15.20
CA ASP A 486 -3.35 -39.51 14.47
C ASP A 486 -3.30 -40.20 13.12
N TRP A 487 -2.19 -40.87 12.79
CA TRP A 487 -2.10 -41.56 11.51
C TRP A 487 -3.05 -42.74 11.44
N PHE A 488 -3.24 -43.44 12.55
CA PHE A 488 -3.93 -44.72 12.55
C PHE A 488 -5.42 -44.53 12.44
N ALA A 489 -6.05 -45.26 11.52
CA ALA A 489 -7.50 -45.30 11.42
C ALA A 489 -8.01 -46.13 12.59
N VAL A 490 -8.38 -45.45 13.69
CA VAL A 490 -8.76 -46.14 14.91
C VAL A 490 -10.25 -46.49 14.94
N ASP A 491 -10.98 -46.13 13.90
CA ASP A 491 -12.42 -46.37 13.86
C ASP A 491 -12.73 -47.85 13.73
N GLU A 492 -13.92 -48.24 14.20
CA GLU A 492 -14.35 -49.64 14.23
C GLU A 492 -15.28 -50.00 13.07
N SER A 493 -15.34 -49.17 12.03
CA SER A 493 -16.10 -49.54 10.83
C SER A 493 -15.49 -50.77 10.17
N ASN A 494 -14.17 -50.82 10.09
CA ASN A 494 -13.41 -51.99 9.70
C ASN A 494 -12.84 -52.65 10.96
N GLU A 495 -12.03 -53.69 10.77
CA GLU A 495 -11.41 -54.33 11.93
C GLU A 495 -10.33 -53.42 12.51
N VAL A 496 -10.26 -53.40 13.84
CA VAL A 496 -9.24 -52.67 14.57
C VAL A 496 -9.03 -53.38 15.91
N ASP A 497 -7.77 -53.49 16.33
CA ASP A 497 -7.47 -54.31 17.50
C ASP A 497 -7.99 -53.64 18.75
N PRO A 498 -8.84 -54.32 19.53
CA PRO A 498 -9.64 -53.65 20.57
C PRO A 498 -8.80 -53.03 21.68
N GLU A 499 -7.87 -53.80 22.25
CA GLU A 499 -7.02 -53.25 23.29
C GLU A 499 -6.05 -52.22 22.74
N PHE A 500 -5.55 -52.44 21.52
CA PHE A 500 -4.65 -51.48 20.90
C PHE A 500 -5.38 -50.19 20.56
N SER A 501 -6.58 -50.29 19.99
CA SER A 501 -7.38 -49.11 19.71
C SER A 501 -7.76 -48.39 20.98
N ALA A 502 -8.06 -49.14 22.05
CA ALA A 502 -8.43 -48.53 23.31
C ALA A 502 -7.26 -47.75 23.90
N ARG A 503 -6.08 -48.36 23.91
CA ARG A 503 -4.90 -47.65 24.41
C ARG A 503 -4.54 -46.47 23.54
N LEU A 504 -4.70 -46.59 22.22
CA LEU A 504 -4.41 -45.50 21.31
C LEU A 504 -5.35 -44.33 21.53
N THR A 505 -6.66 -44.60 21.61
CA THR A 505 -7.63 -43.56 21.87
C THR A 505 -7.41 -42.91 23.22
N GLY A 506 -7.11 -43.73 24.23
CA GLY A 506 -6.85 -43.19 25.56
C GLY A 506 -5.64 -42.28 25.57
N ILE A 507 -4.57 -42.69 24.91
CA ILE A 507 -3.35 -41.88 24.93
C ILE A 507 -3.53 -40.62 24.09
N LYS A 508 -4.31 -40.70 23.00
CA LYS A 508 -4.58 -39.53 22.19
C LYS A 508 -5.41 -38.52 22.97
N LEU A 509 -6.42 -39.00 23.69
CA LEU A 509 -7.21 -38.12 24.54
C LEU A 509 -6.38 -37.56 25.68
N GLU A 510 -5.41 -38.33 26.18
CA GLU A 510 -4.54 -37.85 27.23
C GLU A 510 -3.70 -36.67 26.76
N MET A 511 -3.10 -36.80 25.58
CA MET A 511 -2.19 -35.76 25.10
C MET A 511 -2.84 -34.83 24.08
N GLU A 512 -4.17 -34.88 23.99
CA GLU A 512 -4.91 -34.02 23.06
C GLU A 512 -4.67 -32.51 23.19
N PRO A 513 -4.79 -31.87 24.39
CA PRO A 513 -4.94 -30.40 24.38
C PRO A 513 -3.67 -29.63 24.11
N SER A 514 -2.62 -30.31 23.66
CA SER A 514 -1.42 -29.63 23.21
C SER A 514 -1.69 -28.77 21.99
N LEU A 515 -2.55 -29.23 21.09
CA LEU A 515 -2.86 -28.49 19.87
C LEU A 515 -3.51 -27.14 20.21
N SER A 516 -4.48 -27.15 21.11
CA SER A 516 -5.04 -25.90 21.60
C SER A 516 -3.98 -25.10 22.34
N PHE A 517 -3.16 -25.78 23.14
CA PHE A 517 -2.05 -25.11 23.81
C PHE A 517 -1.09 -24.49 22.80
N TYR A 518 -0.85 -25.21 21.70
CA TYR A 518 0.02 -24.69 20.65
C TYR A 518 -0.54 -23.42 20.03
N ASN A 519 -1.83 -23.44 19.68
CA ASN A 519 -2.40 -22.28 19.01
C ASN A 519 -2.51 -21.10 19.95
N LYS A 520 -2.81 -21.35 21.23
CA LYS A 520 -2.88 -20.26 22.20
C LYS A 520 -1.50 -19.65 22.42
N ALA A 521 -0.46 -20.49 22.50
CA ALA A 521 0.89 -19.98 22.63
C ALA A 521 1.29 -19.18 21.40
N ARG A 522 0.89 -19.64 20.21
CA ARG A 522 1.20 -18.92 18.98
C ARG A 522 0.52 -17.56 18.98
N ASN A 523 -0.73 -17.50 19.42
CA ASN A 523 -1.44 -16.23 19.44
C ASN A 523 -0.86 -15.29 20.47
N TYR A 524 -0.39 -15.83 21.59
CA TYR A 524 0.16 -14.96 22.63
C TYR A 524 1.53 -14.45 22.24
N ALA A 525 2.37 -15.30 21.67
CA ALA A 525 3.75 -14.90 21.40
C ALA A 525 3.86 -13.96 20.20
N THR A 526 2.94 -14.07 19.25
CA THR A 526 2.99 -13.24 18.06
C THR A 526 2.50 -11.83 18.30
N LYS A 527 2.06 -11.51 19.51
CA LYS A 527 1.64 -10.15 19.81
C LYS A 527 2.81 -9.20 19.75
N LYS A 528 2.58 -8.03 19.17
CA LYS A 528 3.64 -7.03 19.07
C LYS A 528 3.99 -6.49 20.45
N PRO A 529 5.26 -6.41 20.82
CA PRO A 529 5.62 -5.95 22.16
C PRO A 529 5.27 -4.49 22.37
N TYR A 530 4.98 -4.15 23.62
CA TYR A 530 4.60 -2.81 23.98
C TYR A 530 5.86 -1.94 24.03
N SER A 531 5.72 -0.71 23.54
CA SER A 531 6.73 0.32 23.69
C SER A 531 6.06 1.57 24.23
N VAL A 532 6.84 2.43 24.90
CA VAL A 532 6.30 3.66 25.45
C VAL A 532 6.01 4.64 24.33
N GLU A 533 4.91 5.36 24.45
CA GLU A 533 4.48 6.30 23.42
C GLU A 533 4.38 7.71 24.00
N LYS A 534 4.43 8.68 23.11
CA LYS A 534 4.14 10.06 23.44
C LYS A 534 2.63 10.27 23.51
N PHE A 535 2.22 11.34 24.17
CA PHE A 535 0.82 11.71 24.24
C PHE A 535 0.69 13.22 24.22
N LYS A 536 -0.48 13.69 23.83
CA LYS A 536 -0.69 15.12 23.63
C LYS A 536 -0.74 15.85 24.97
N LEU A 537 0.04 16.91 25.08
CA LEU A 537 -0.04 17.79 26.23
C LEU A 537 -1.16 18.79 26.05
N ASN A 538 -1.77 19.18 27.17
CA ASN A 538 -2.88 20.12 27.11
C ASN A 538 -2.84 21.22 28.15
N PHE A 539 -2.15 21.03 29.28
CA PHE A 539 -1.93 22.05 30.30
C PHE A 539 -3.26 22.57 30.86
N GLN A 540 -4.29 21.72 30.84
CA GLN A 540 -5.68 22.08 31.09
C GLN A 540 -6.20 23.15 30.15
N MET A 541 -5.56 23.34 29.03
CA MET A 541 -6.14 24.25 28.04
C MET A 541 -7.01 23.45 27.09
N PRO A 542 -8.29 23.78 26.98
CA PRO A 542 -9.14 23.08 26.02
C PRO A 542 -8.70 23.27 24.59
N THR A 543 -8.13 24.43 24.27
CA THR A 543 -7.73 24.78 22.91
C THR A 543 -6.29 25.22 22.88
N LEU A 544 -5.42 24.41 23.47
CA LEU A 544 -4.00 24.74 23.55
C LEU A 544 -3.40 24.83 22.15
N ALA A 545 -3.01 26.04 21.78
CA ALA A 545 -2.34 26.34 20.51
C ALA A 545 -3.17 25.89 19.31
N SER A 546 -4.48 26.07 19.38
CA SER A 546 -5.30 25.84 18.20
C SER A 546 -4.97 26.82 17.10
N GLY A 547 -4.68 28.06 17.46
CA GLY A 547 -4.25 29.06 16.50
C GLY A 547 -3.31 30.02 17.19
N TRP A 548 -2.75 30.93 16.40
CA TRP A 548 -1.72 31.82 16.90
C TRP A 548 -2.17 33.26 17.07
N ASP A 549 -3.42 33.59 16.74
CA ASP A 549 -3.83 34.98 16.63
C ASP A 549 -3.76 35.72 17.96
N VAL A 550 -3.43 37.01 17.87
CA VAL A 550 -3.20 37.83 19.05
C VAL A 550 -4.48 38.00 19.87
N ASN A 551 -5.64 37.98 19.22
CA ASN A 551 -6.88 38.06 19.97
C ASN A 551 -7.12 36.80 20.78
N LYS A 552 -6.80 35.64 20.21
CA LYS A 552 -7.01 34.37 20.87
C LYS A 552 -5.81 33.94 21.69
N GLU A 553 -4.76 34.75 21.74
CA GLU A 553 -3.50 34.31 22.33
C GLU A 553 -3.58 34.17 23.84
N LYS A 554 -4.58 34.76 24.48
CA LYS A 554 -4.80 34.50 25.88
C LYS A 554 -5.71 33.30 26.09
N ASN A 555 -6.25 32.73 25.02
CA ASN A 555 -7.06 31.53 25.12
C ASN A 555 -6.35 30.33 24.54
N ASN A 556 -5.73 30.49 23.37
CA ASN A 556 -4.92 29.42 22.82
C ASN A 556 -3.61 29.28 23.59
N GLY A 557 -3.11 30.39 24.12
CA GLY A 557 -2.02 30.34 25.07
C GLY A 557 -0.65 30.07 24.51
N ALA A 558 -0.42 30.30 23.22
CA ALA A 558 0.86 30.02 22.59
C ALA A 558 1.43 31.29 21.99
N ILE A 559 2.65 31.65 22.39
CA ILE A 559 3.30 32.87 21.94
C ILE A 559 4.75 32.55 21.62
N LEU A 560 5.22 32.98 20.46
CA LEU A 560 6.58 32.74 20.01
C LEU A 560 7.49 33.93 20.27
N PHE A 561 8.76 33.64 20.47
CA PHE A 561 9.79 34.67 20.57
C PHE A 561 10.99 34.27 19.76
N VAL A 562 11.63 35.27 19.16
CA VAL A 562 12.87 35.10 18.44
C VAL A 562 13.94 35.88 19.18
N LYS A 563 15.02 35.20 19.55
CA LYS A 563 16.09 35.80 20.32
C LYS A 563 17.40 35.52 19.61
N ASN A 564 18.01 36.57 19.07
CA ASN A 564 19.31 36.61 18.38
C ASN A 564 19.60 35.38 17.53
N GLY A 565 18.63 34.98 16.74
CA GLY A 565 18.77 33.78 15.92
C GLY A 565 18.04 32.59 16.50
N LEU A 566 18.06 32.45 17.82
CA LEU A 566 17.38 31.34 18.44
C LEU A 566 15.88 31.59 18.47
N TYR A 567 15.13 30.53 18.74
CA TYR A 567 13.68 30.58 18.75
C TYR A 567 13.15 30.05 20.07
N TYR A 568 12.16 30.73 20.62
CA TYR A 568 11.59 30.36 21.90
C TYR A 568 10.08 30.38 21.82
N LEU A 569 9.46 29.32 22.35
CA LEU A 569 8.02 29.22 22.44
C LEU A 569 7.61 29.35 23.89
N GLY A 570 6.70 30.28 24.17
CA GLY A 570 6.25 30.56 25.52
C GLY A 570 4.79 30.19 25.68
N ILE A 571 4.49 29.54 26.81
CA ILE A 571 3.14 29.14 27.14
C ILE A 571 2.78 29.78 28.47
N MET A 572 1.67 30.50 28.50
CA MET A 572 1.16 30.94 29.77
C MET A 572 -0.05 30.11 30.16
N PRO A 573 -0.10 29.62 31.38
CA PRO A 573 -1.20 28.75 31.79
C PRO A 573 -2.33 29.55 32.42
N LYS A 574 -3.40 28.87 32.82
CA LYS A 574 -4.43 29.51 33.61
C LYS A 574 -3.92 29.75 35.01
N GLN A 575 -3.99 31.00 35.46
CA GLN A 575 -3.55 31.37 36.79
C GLN A 575 -4.75 31.30 37.71
N LYS A 576 -4.59 30.64 38.86
CA LYS A 576 -5.62 30.32 39.85
C LYS A 576 -6.92 29.83 39.21
N GLY A 577 -6.81 29.07 38.15
CA GLY A 577 -7.98 28.56 37.45
C GLY A 577 -8.64 29.53 36.50
N ARG A 578 -7.94 30.59 36.07
CA ARG A 578 -8.54 31.53 35.13
C ARG A 578 -7.45 32.16 34.28
N TYR A 579 -7.88 32.79 33.19
CA TYR A 579 -6.97 33.48 32.28
C TYR A 579 -6.67 34.86 32.85
N LYS A 580 -5.53 35.00 33.51
CA LYS A 580 -5.06 36.32 33.88
C LYS A 580 -4.53 37.03 32.65
N ALA A 581 -4.97 38.27 32.44
CA ALA A 581 -4.66 39.01 31.23
C ALA A 581 -3.21 39.49 31.31
N LEU A 582 -2.29 38.57 31.01
CA LEU A 582 -0.88 38.92 30.96
C LEU A 582 -0.57 39.56 29.62
N SER A 583 0.09 40.72 29.66
CA SER A 583 0.44 41.46 28.46
C SER A 583 1.80 42.09 28.65
N PHE A 584 2.41 42.48 27.53
CA PHE A 584 3.74 43.07 27.55
C PHE A 584 3.74 44.33 26.69
N GLU A 585 4.74 45.16 26.92
CA GLU A 585 4.84 46.43 26.23
C GLU A 585 5.94 46.35 25.19
N PRO A 586 5.64 46.57 23.91
CA PRO A 586 6.69 46.60 22.88
C PRO A 586 7.61 47.79 23.10
N THR A 587 8.87 47.51 23.39
CA THR A 587 9.85 48.54 23.63
C THR A 587 10.60 48.87 22.34
N GLU A 588 11.65 49.67 22.46
CA GLU A 588 12.46 50.03 21.31
C GLU A 588 13.31 48.84 20.87
N LYS A 589 13.66 48.85 19.58
CA LYS A 589 14.47 47.77 19.04
C LYS A 589 15.87 47.77 19.63
N THR A 590 16.36 48.93 20.07
CA THR A 590 17.67 49.02 20.67
C THR A 590 17.75 48.30 22.01
N SER A 591 16.63 48.20 22.73
CA SER A 591 16.65 47.58 24.04
C SER A 591 16.89 46.08 23.92
N GLU A 592 17.62 45.54 24.88
CA GLU A 592 17.88 44.11 24.93
C GLU A 592 16.60 43.38 25.32
N GLY A 593 16.30 42.30 24.61
CA GLY A 593 15.16 41.47 24.96
C GLY A 593 14.71 40.63 23.78
N PHE A 594 13.57 39.99 23.96
CA PHE A 594 13.01 39.09 22.98
C PHE A 594 12.15 39.84 21.98
N ASP A 595 12.03 39.26 20.79
CA ASP A 595 11.21 39.81 19.72
C ASP A 595 9.98 38.92 19.59
N LYS A 596 8.85 39.41 20.07
CA LYS A 596 7.62 38.62 20.05
C LYS A 596 6.98 38.67 18.69
N MET A 597 6.55 37.51 18.21
CA MET A 597 5.84 37.42 16.94
C MET A 597 4.40 37.87 17.15
N TYR A 598 3.85 38.55 16.15
CA TYR A 598 2.49 39.09 16.20
C TYR A 598 1.72 38.50 15.03
N TYR A 599 0.75 37.65 15.35
CA TYR A 599 0.03 36.90 14.35
C TYR A 599 -1.29 37.59 14.06
N ASP A 600 -1.39 38.23 12.90
CA ASP A 600 -2.60 38.91 12.48
C ASP A 600 -3.13 38.16 11.26
N TYR A 601 -4.22 37.43 11.44
CA TYR A 601 -4.62 36.46 10.44
C TYR A 601 -6.13 36.33 10.41
N PHE A 602 -6.69 36.38 9.20
CA PHE A 602 -8.07 36.02 8.99
C PHE A 602 -8.11 34.67 8.29
N PRO A 603 -8.83 33.69 8.81
CA PRO A 603 -8.69 32.31 8.35
C PRO A 603 -8.99 32.09 6.88
N ASP A 604 -10.22 32.41 6.47
CA ASP A 604 -10.63 32.24 5.09
C ASP A 604 -11.85 33.12 4.88
N ALA A 605 -11.86 33.84 3.76
CA ALA A 605 -12.98 34.72 3.47
C ALA A 605 -14.27 33.93 3.29
N ALA A 606 -14.19 32.81 2.57
CA ALA A 606 -15.38 32.06 2.22
C ALA A 606 -16.09 31.50 3.45
N LYS A 607 -15.39 31.29 4.55
CA LYS A 607 -16.04 30.85 5.76
C LYS A 607 -16.28 31.96 6.75
N MET A 608 -15.41 32.95 6.85
CA MET A 608 -15.61 33.92 7.92
C MET A 608 -16.55 35.04 7.51
N ILE A 609 -16.45 35.52 6.27
CA ILE A 609 -17.31 36.65 5.85
C ILE A 609 -18.79 36.30 5.91
N PRO A 610 -19.27 35.17 5.38
CA PRO A 610 -20.68 34.84 5.60
C PRO A 610 -21.02 34.62 7.05
N LYS A 611 -20.07 34.10 7.83
CA LYS A 611 -20.32 33.87 9.25
C LYS A 611 -20.56 35.17 9.98
N CYS A 612 -19.56 36.05 9.98
CA CYS A 612 -19.68 37.29 10.71
C CYS A 612 -20.57 38.31 10.02
N SER A 613 -21.03 38.05 8.80
CA SER A 613 -21.79 39.02 8.05
C SER A 613 -23.25 38.64 7.89
N THR A 614 -23.53 37.47 7.32
CA THR A 614 -24.88 37.14 6.89
C THR A 614 -25.54 36.08 7.73
N GLN A 615 -24.77 35.20 8.36
CA GLN A 615 -25.32 34.10 9.12
C GLN A 615 -25.27 34.34 10.62
N LEU A 616 -25.31 35.60 11.04
CA LEU A 616 -25.48 35.89 12.44
C LEU A 616 -26.90 35.57 12.88
N LYS A 617 -27.07 35.35 14.18
CA LYS A 617 -28.41 35.10 14.71
C LYS A 617 -29.29 36.32 14.53
N ALA A 618 -28.73 37.51 14.76
CA ALA A 618 -29.52 38.73 14.76
C ALA A 618 -30.07 39.03 13.37
N VAL A 619 -29.25 38.88 12.33
CA VAL A 619 -29.72 39.21 10.98
C VAL A 619 -30.75 38.20 10.51
N THR A 620 -30.55 36.92 10.84
CA THR A 620 -31.52 35.90 10.47
C THR A 620 -32.85 36.14 11.16
N ALA A 621 -32.81 36.56 12.43
CA ALA A 621 -34.05 36.90 13.11
C ALA A 621 -34.70 38.14 12.51
N HIS A 622 -33.90 39.17 12.23
CA HIS A 622 -34.43 40.44 11.76
C HIS A 622 -35.05 40.30 10.39
N PHE A 623 -34.39 39.59 9.49
CA PHE A 623 -34.89 39.52 8.12
C PHE A 623 -35.95 38.46 7.94
N GLN A 624 -36.09 37.55 8.89
CA GLN A 624 -37.28 36.70 8.88
C GLN A 624 -38.51 37.52 9.23
N THR A 625 -38.36 38.52 10.09
CA THR A 625 -39.50 39.32 10.51
C THR A 625 -39.92 40.31 9.43
N HIS A 626 -38.98 41.12 8.95
CA HIS A 626 -39.31 42.14 7.97
C HIS A 626 -38.18 42.26 6.96
N THR A 627 -38.50 42.89 5.83
CA THR A 627 -37.60 43.01 4.70
C THR A 627 -36.68 44.22 4.81
N THR A 628 -36.83 45.02 5.87
CA THR A 628 -36.04 46.22 6.02
C THR A 628 -34.56 45.87 6.25
N PRO A 629 -33.65 46.65 5.67
CA PRO A 629 -32.22 46.40 5.88
C PRO A 629 -31.81 46.69 7.30
N ILE A 630 -30.72 46.06 7.70
CA ILE A 630 -30.27 46.09 9.09
C ILE A 630 -28.85 46.64 9.12
N LEU A 631 -28.59 47.53 10.08
CA LEU A 631 -27.26 48.07 10.32
C LEU A 631 -26.60 47.29 11.44
N LEU A 632 -25.33 46.96 11.26
CA LEU A 632 -24.56 46.24 12.27
C LEU A 632 -23.43 47.14 12.76
N SER A 633 -23.30 47.25 14.09
CA SER A 633 -22.41 48.22 14.70
C SER A 633 -21.21 47.60 15.39
N ASN A 634 -21.44 46.63 16.28
CA ASN A 634 -20.37 46.05 17.06
C ASN A 634 -19.39 45.31 16.17
N ASN A 635 -18.10 45.45 16.51
CA ASN A 635 -16.98 44.95 15.71
C ASN A 635 -17.00 45.53 14.30
N PHE A 636 -17.44 46.78 14.18
CA PHE A 636 -17.36 47.54 12.95
C PHE A 636 -17.04 48.98 13.29
N ILE A 637 -16.13 49.57 12.50
CA ILE A 637 -15.87 51.00 12.67
C ILE A 637 -17.06 51.81 12.17
N GLU A 638 -17.77 51.30 11.17
CA GLU A 638 -18.90 51.99 10.58
C GLU A 638 -20.08 51.04 10.52
N PRO A 639 -21.31 51.55 10.62
CA PRO A 639 -22.49 50.67 10.54
C PRO A 639 -22.60 50.03 9.17
N LEU A 640 -22.66 48.71 9.15
CA LEU A 640 -22.64 47.95 7.92
C LEU A 640 -24.06 47.65 7.46
N GLU A 641 -24.35 47.98 6.21
CA GLU A 641 -25.66 47.72 5.62
C GLU A 641 -25.74 46.29 5.15
N ILE A 642 -26.87 45.63 5.46
CA ILE A 642 -27.18 44.32 4.92
C ILE A 642 -28.50 44.44 4.18
N THR A 643 -28.50 44.13 2.89
CA THR A 643 -29.71 44.21 2.09
C THR A 643 -30.41 42.86 2.07
N LYS A 644 -31.69 42.89 1.69
CA LYS A 644 -32.45 41.67 1.53
C LYS A 644 -31.87 40.81 0.43
N GLU A 645 -31.45 41.45 -0.67
CA GLU A 645 -30.95 40.72 -1.82
C GLU A 645 -29.70 39.95 -1.48
N ILE A 646 -28.79 40.57 -0.71
CA ILE A 646 -27.54 39.91 -0.33
C ILE A 646 -27.82 38.66 0.48
N TYR A 647 -28.73 38.77 1.45
CA TYR A 647 -29.15 37.62 2.22
C TYR A 647 -29.78 36.55 1.34
N ASP A 648 -30.50 36.98 0.31
CA ASP A 648 -31.10 36.02 -0.61
C ASP A 648 -30.05 35.26 -1.41
N LEU A 649 -28.99 35.96 -1.83
CA LEU A 649 -27.90 35.25 -2.50
C LEU A 649 -27.22 34.28 -1.55
N ASN A 650 -26.97 34.70 -0.31
CA ASN A 650 -26.30 33.77 0.59
C ASN A 650 -27.23 32.69 1.11
N ASN A 651 -28.54 32.94 1.13
CA ASN A 651 -29.51 31.97 1.61
C ASN A 651 -30.56 31.79 0.52
N PRO A 652 -30.27 30.99 -0.50
CA PRO A 652 -31.16 30.88 -1.66
C PRO A 652 -32.24 29.81 -1.54
N GLU A 653 -32.35 29.14 -0.38
CA GLU A 653 -33.27 28.02 -0.16
C GLU A 653 -33.08 26.93 -1.21
N LYS A 654 -31.84 26.76 -1.65
CA LYS A 654 -31.51 25.85 -2.72
C LYS A 654 -30.02 25.57 -2.64
N GLU A 655 -29.61 24.45 -3.24
CA GLU A 655 -28.19 24.10 -3.23
C GLU A 655 -27.30 25.08 -3.99
N PRO A 656 -27.59 25.48 -5.25
CA PRO A 656 -26.66 26.43 -5.89
C PRO A 656 -26.95 27.86 -5.49
N LYS A 657 -25.94 28.51 -4.91
CA LYS A 657 -26.04 29.94 -4.68
C LYS A 657 -25.87 30.67 -6.01
N LYS A 658 -26.63 31.75 -6.18
CA LYS A 658 -26.70 32.41 -7.47
C LYS A 658 -25.39 33.07 -7.87
N PHE A 659 -24.51 33.38 -6.93
CA PHE A 659 -23.20 33.88 -7.34
C PHE A 659 -22.21 32.77 -7.61
N GLN A 660 -22.49 31.54 -7.18
CA GLN A 660 -21.53 30.45 -7.30
C GLN A 660 -21.77 29.68 -8.60
N THR A 661 -20.73 28.98 -9.04
CA THR A 661 -20.67 28.50 -10.42
C THR A 661 -21.66 27.38 -10.70
N ALA A 662 -22.20 26.72 -9.68
CA ALA A 662 -23.18 25.67 -9.94
C ALA A 662 -24.45 26.25 -10.51
N TYR A 663 -24.82 27.45 -10.07
CA TYR A 663 -25.96 28.17 -10.66
C TYR A 663 -25.71 28.45 -12.13
N ALA A 664 -24.49 28.85 -12.49
CA ALA A 664 -24.18 29.10 -13.89
C ALA A 664 -24.20 27.81 -14.69
N LYS A 665 -23.69 26.72 -14.11
CA LYS A 665 -23.62 25.46 -14.86
C LYS A 665 -25.01 24.86 -15.07
N LYS A 666 -25.88 24.96 -14.07
CA LYS A 666 -27.21 24.40 -14.20
C LYS A 666 -28.14 25.32 -14.97
N THR A 667 -28.29 26.56 -14.50
CA THR A 667 -29.22 27.49 -15.11
C THR A 667 -28.76 27.92 -16.50
N GLY A 668 -27.50 28.31 -16.62
CA GLY A 668 -26.97 28.79 -17.87
C GLY A 668 -27.09 30.29 -18.07
N ASP A 669 -27.93 30.96 -17.29
CA ASP A 669 -28.10 32.41 -17.41
C ASP A 669 -26.89 33.09 -16.79
N GLN A 670 -25.86 33.30 -17.61
CA GLN A 670 -24.62 33.87 -17.12
C GLN A 670 -24.77 35.34 -16.74
N LYS A 671 -25.81 36.00 -17.24
CA LYS A 671 -26.01 37.41 -16.92
C LYS A 671 -26.30 37.60 -15.43
N GLY A 672 -27.29 36.86 -14.92
CA GLY A 672 -27.61 36.94 -13.50
C GLY A 672 -26.48 36.43 -12.63
N TYR A 673 -25.76 35.41 -13.11
CA TYR A 673 -24.59 34.92 -12.40
C TYR A 673 -23.54 36.01 -12.25
N ARG A 674 -23.25 36.70 -13.35
CA ARG A 674 -22.25 37.78 -13.32
C ARG A 674 -22.71 38.93 -12.44
N GLU A 675 -24.00 39.29 -12.50
CA GLU A 675 -24.48 40.41 -11.70
C GLU A 675 -24.46 40.07 -10.22
N ALA A 676 -24.87 38.85 -9.87
CA ALA A 676 -24.80 38.40 -8.48
C ALA A 676 -23.37 38.37 -7.99
N LEU A 677 -22.45 37.94 -8.85
CA LEU A 677 -21.05 37.93 -8.48
C LEU A 677 -20.54 39.34 -8.23
N CYS A 678 -20.91 40.29 -9.09
CA CYS A 678 -20.48 41.67 -8.93
C CYS A 678 -21.02 42.26 -7.64
N LYS A 679 -22.29 42.00 -7.34
CA LYS A 679 -22.89 42.50 -6.11
C LYS A 679 -22.22 41.88 -4.89
N TRP A 680 -21.90 40.59 -4.96
CA TRP A 680 -21.24 39.93 -3.84
C TRP A 680 -19.85 40.49 -3.60
N ILE A 681 -19.12 40.79 -4.69
CA ILE A 681 -17.78 41.34 -4.53
C ILE A 681 -17.85 42.73 -3.93
N ASP A 682 -18.84 43.53 -4.37
CA ASP A 682 -19.03 44.85 -3.77
C ASP A 682 -19.33 44.73 -2.29
N PHE A 683 -20.19 43.76 -1.93
CA PHE A 683 -20.55 43.57 -0.53
C PHE A 683 -19.35 43.14 0.29
N THR A 684 -18.54 42.22 -0.22
CA THR A 684 -17.42 41.77 0.61
C THR A 684 -16.32 42.81 0.66
N ARG A 685 -16.20 43.66 -0.36
CA ARG A 685 -15.31 44.79 -0.26
C ARG A 685 -15.76 45.75 0.82
N ASP A 686 -17.06 46.00 0.89
CA ASP A 686 -17.60 46.85 1.95
C ASP A 686 -17.36 46.23 3.32
N PHE A 687 -17.55 44.92 3.43
CA PHE A 687 -17.31 44.24 4.70
C PHE A 687 -15.86 44.35 5.12
N LEU A 688 -14.94 44.13 4.18
CA LEU A 688 -13.53 44.22 4.48
C LEU A 688 -13.15 45.64 4.85
N SER A 689 -13.86 46.62 4.29
CA SER A 689 -13.64 48.00 4.66
C SER A 689 -14.08 48.27 6.09
N LYS A 690 -15.27 47.81 6.47
CA LYS A 690 -15.88 48.24 7.72
C LYS A 690 -15.53 47.37 8.91
N TYR A 691 -15.03 46.16 8.69
CA TYR A 691 -14.78 45.26 9.82
C TYR A 691 -13.56 45.71 10.59
N THR A 692 -13.62 45.53 11.91
CA THR A 692 -12.58 46.08 12.79
C THR A 692 -11.24 45.41 12.57
N LYS A 693 -11.22 44.09 12.42
CA LYS A 693 -9.97 43.36 12.27
C LYS A 693 -9.28 43.70 10.95
N THR A 694 -10.05 43.96 9.90
CA THR A 694 -9.52 44.04 8.56
C THR A 694 -9.54 45.45 7.97
N THR A 695 -9.99 46.45 8.73
CA THR A 695 -10.00 47.79 8.18
C THR A 695 -8.61 48.37 8.02
N SER A 696 -7.62 47.85 8.75
CA SER A 696 -6.26 48.36 8.63
C SER A 696 -5.54 47.78 7.43
N ILE A 697 -6.05 46.70 6.84
CA ILE A 697 -5.39 46.09 5.71
C ILE A 697 -5.67 46.88 4.45
N ASP A 698 -4.66 47.05 3.61
CA ASP A 698 -4.83 47.63 2.29
C ASP A 698 -5.26 46.54 1.33
N LEU A 699 -6.26 46.83 0.50
CA LEU A 699 -6.71 45.92 -0.54
C LEU A 699 -6.67 46.57 -1.91
N SER A 700 -5.74 47.50 -2.11
CA SER A 700 -5.64 48.21 -3.38
C SER A 700 -5.19 47.31 -4.51
N SER A 701 -4.55 46.18 -4.20
CA SER A 701 -4.06 45.29 -5.24
C SER A 701 -5.18 44.52 -5.95
N LEU A 702 -6.40 44.58 -5.44
CA LEU A 702 -7.50 43.87 -6.06
C LEU A 702 -7.93 44.55 -7.35
N ARG A 703 -8.40 43.74 -8.30
CA ARG A 703 -9.03 44.27 -9.49
C ARG A 703 -10.40 44.82 -9.13
N PRO A 704 -10.97 45.66 -10.00
CA PRO A 704 -12.37 46.04 -9.83
C PRO A 704 -13.30 44.84 -9.96
N SER A 705 -14.51 45.01 -9.42
CA SER A 705 -15.38 43.88 -9.10
C SER A 705 -15.81 43.12 -10.35
N SER A 706 -16.24 43.83 -11.38
CA SER A 706 -16.82 43.17 -12.54
C SER A 706 -15.80 42.42 -13.38
N GLN A 707 -14.51 42.67 -13.16
CA GLN A 707 -13.48 41.99 -13.95
C GLN A 707 -13.22 40.56 -13.52
N TYR A 708 -13.67 40.16 -12.33
CA TYR A 708 -13.33 38.84 -11.84
C TYR A 708 -14.15 37.78 -12.54
N LYS A 709 -13.54 36.61 -12.72
CA LYS A 709 -14.14 35.56 -13.54
C LYS A 709 -14.95 34.59 -12.68
N ASP A 710 -14.30 33.93 -11.73
CA ASP A 710 -14.97 33.03 -10.79
C ASP A 710 -14.73 33.51 -9.37
N LEU A 711 -15.69 33.14 -8.51
CA LEU A 711 -15.61 33.52 -7.11
C LEU A 711 -14.44 32.83 -6.42
N GLY A 712 -14.17 31.57 -6.76
CA GLY A 712 -13.02 30.90 -6.17
C GLY A 712 -11.71 31.54 -6.56
N GLU A 713 -11.63 32.03 -7.79
CA GLU A 713 -10.47 32.81 -8.22
C GLU A 713 -10.31 34.06 -7.36
N TYR A 714 -11.41 34.77 -7.12
CA TYR A 714 -11.36 35.96 -6.28
C TYR A 714 -10.92 35.63 -4.86
N TYR A 715 -11.43 34.52 -4.32
CA TYR A 715 -11.08 34.12 -2.97
C TYR A 715 -9.61 33.77 -2.88
N ALA A 716 -9.11 33.02 -3.86
CA ALA A 716 -7.69 32.65 -3.87
C ALA A 716 -6.81 33.88 -4.04
N GLU A 717 -7.30 34.89 -4.75
CA GLU A 717 -6.60 36.17 -4.77
C GLU A 717 -6.62 36.82 -3.39
N LEU A 718 -7.76 36.76 -2.72
CA LEU A 718 -7.98 37.57 -1.53
C LEU A 718 -7.21 37.05 -0.33
N ASN A 719 -7.21 35.74 -0.14
CA ASN A 719 -6.68 35.14 1.10
C ASN A 719 -5.24 35.51 1.46
N PRO A 720 -4.26 35.58 0.55
CA PRO A 720 -2.92 35.96 0.99
C PRO A 720 -2.82 37.37 1.54
N LEU A 721 -3.76 38.25 1.23
CA LEU A 721 -3.69 39.60 1.77
C LEU A 721 -4.01 39.63 3.25
N LEU A 722 -4.79 38.66 3.74
CA LEU A 722 -5.24 38.70 5.12
C LEU A 722 -4.11 38.32 6.07
N TYR A 723 -3.32 37.34 5.70
CA TYR A 723 -2.30 36.80 6.59
C TYR A 723 -1.15 37.79 6.73
N HIS A 724 -0.73 38.05 7.97
CA HIS A 724 0.31 39.05 8.17
C HIS A 724 0.99 38.84 9.51
N ILE A 725 2.31 38.96 9.50
CA ILE A 725 3.17 38.81 10.68
C ILE A 725 3.91 40.13 10.88
N SER A 726 4.00 40.57 12.11
CA SER A 726 4.93 41.62 12.52
C SER A 726 5.78 41.10 13.66
N PHE A 727 6.66 41.97 14.16
CA PHE A 727 7.50 41.62 15.29
C PHE A 727 7.71 42.83 16.18
N GLN A 728 7.69 42.60 17.48
CA GLN A 728 7.89 43.65 18.47
C GLN A 728 8.93 43.21 19.47
N ARG A 729 9.91 44.07 19.72
CA ARG A 729 10.90 43.81 20.76
C ARG A 729 10.26 43.96 22.13
N ILE A 730 10.54 43.02 23.02
CA ILE A 730 9.99 43.02 24.37
C ILE A 730 11.12 42.83 25.36
N ALA A 731 11.10 43.63 26.42
CA ALA A 731 12.20 43.68 27.39
C ALA A 731 12.41 42.32 28.06
N GLU A 732 13.68 41.99 28.27
CA GLU A 732 14.07 40.66 28.72
C GLU A 732 13.63 40.40 30.15
N LYS A 733 13.83 41.38 31.04
CA LYS A 733 13.58 41.15 32.45
C LYS A 733 12.11 40.93 32.74
N GLU A 734 11.22 41.49 31.92
CA GLU A 734 9.80 41.21 32.07
C GLU A 734 9.50 39.75 31.83
N ILE A 735 10.11 39.17 30.78
CA ILE A 735 9.90 37.77 30.47
C ILE A 735 10.51 36.89 31.55
N MET A 736 11.68 37.27 32.07
CA MET A 736 12.28 36.53 33.16
C MET A 736 11.40 36.55 34.40
N ASP A 737 10.84 37.70 34.74
CA ASP A 737 9.96 37.80 35.89
C ASP A 737 8.70 36.97 35.70
N ALA A 738 8.15 36.98 34.49
CA ALA A 738 6.97 36.17 34.21
C ALA A 738 7.26 34.69 34.32
N VAL A 739 8.47 34.27 33.95
CA VAL A 739 8.85 32.87 34.10
C VAL A 739 9.03 32.52 35.57
N GLU A 740 9.73 33.39 36.31
CA GLU A 740 10.03 33.11 37.71
C GLU A 740 8.76 33.10 38.55
N THR A 741 7.77 33.90 38.18
CA THR A 741 6.48 33.85 38.85
C THR A 741 5.76 32.55 38.59
N GLY A 742 6.12 31.84 37.54
CA GLY A 742 5.34 30.71 37.07
C GLY A 742 4.26 31.09 36.11
N LYS A 743 4.09 32.37 35.83
CA LYS A 743 3.05 32.79 34.91
C LYS A 743 3.38 32.51 33.45
N LEU A 744 4.62 32.13 33.15
CA LEU A 744 5.01 31.84 31.78
C LEU A 744 5.90 30.62 31.76
N TYR A 745 5.51 29.63 30.97
CA TYR A 745 6.35 28.47 30.68
C TYR A 745 7.04 28.70 29.35
N LEU A 746 8.36 28.69 29.37
CA LEU A 746 9.16 29.01 28.20
C LEU A 746 9.99 27.81 27.78
N PHE A 747 9.89 27.46 26.51
CA PHE A 747 10.73 26.45 25.92
C PHE A 747 11.52 27.05 24.77
N GLN A 748 12.64 26.41 24.45
CA GLN A 748 13.39 26.74 23.26
C GLN A 748 13.09 25.69 22.20
N ILE A 749 12.65 26.15 21.03
CA ILE A 749 12.52 25.25 19.89
C ILE A 749 13.93 24.83 19.50
N TYR A 750 14.17 23.54 19.40
CA TYR A 750 15.53 23.04 19.26
C TYR A 750 15.57 21.82 18.36
N ASN A 751 16.65 21.70 17.62
CA ASN A 751 16.98 20.49 16.90
C ASN A 751 18.49 20.37 16.88
N LYS A 752 19.01 19.52 16.00
CA LYS A 752 20.45 19.35 15.90
C LYS A 752 21.12 20.62 15.40
N ASP A 753 20.50 21.31 14.44
CA ASP A 753 21.19 22.39 13.75
C ASP A 753 21.39 23.63 14.62
N PHE A 754 20.59 23.83 15.64
CA PHE A 754 20.77 25.01 16.47
C PHE A 754 21.86 24.83 17.50
N ALA A 755 22.48 23.66 17.57
CA ALA A 755 23.62 23.47 18.45
C ALA A 755 24.82 24.26 17.96
N LYS A 756 25.68 24.64 18.91
CA LYS A 756 26.83 25.46 18.61
C LYS A 756 27.93 24.72 17.86
N GLY A 757 28.00 23.40 17.98
CA GLY A 757 29.04 22.62 17.35
C GLY A 757 28.81 22.30 15.90
N HIS A 758 27.69 22.74 15.34
CA HIS A 758 27.39 22.48 13.95
C HIS A 758 28.00 23.55 13.06
N HIS A 759 28.17 23.19 11.80
CA HIS A 759 28.68 24.12 10.79
C HIS A 759 28.31 23.58 9.42
N GLY A 760 27.53 24.34 8.67
CA GLY A 760 27.25 23.98 7.29
C GLY A 760 26.18 22.91 7.11
N LYS A 761 25.42 23.05 6.03
CA LYS A 761 24.35 22.15 5.63
C LYS A 761 23.34 21.91 6.74
N PRO A 762 22.48 22.87 7.04
CA PRO A 762 21.39 22.61 7.99
C PRO A 762 20.40 21.62 7.41
N ASN A 763 19.64 20.99 8.29
CA ASN A 763 18.60 20.08 7.85
C ASN A 763 17.52 20.86 7.10
N LEU A 764 16.87 20.15 6.17
CA LEU A 764 15.94 20.81 5.27
C LEU A 764 14.77 21.43 6.02
N HIS A 765 14.25 20.73 7.00
CA HIS A 765 13.14 21.26 7.80
C HIS A 765 13.60 22.49 8.59
N THR A 766 14.81 22.44 9.12
CA THR A 766 15.38 23.59 9.81
C THR A 766 15.53 24.75 8.84
N LEU A 767 15.86 24.44 7.59
CA LEU A 767 15.99 25.49 6.59
C LEU A 767 14.63 26.12 6.28
N TYR A 768 13.57 25.30 6.25
CA TYR A 768 12.22 25.83 6.14
C TYR A 768 11.90 26.77 7.28
N TRP A 769 12.25 26.35 8.50
CA TRP A 769 11.94 27.15 9.68
C TRP A 769 12.69 28.47 9.66
N THR A 770 13.94 28.44 9.20
CA THR A 770 14.68 29.68 9.04
C THR A 770 14.05 30.56 7.99
N GLY A 771 13.57 29.95 6.90
CA GLY A 771 12.99 30.72 5.82
C GLY A 771 11.65 31.32 6.14
N LEU A 772 10.91 30.74 7.09
CA LEU A 772 9.64 31.33 7.48
C LEU A 772 9.83 32.70 8.08
N PHE A 773 10.85 32.87 8.92
CA PHE A 773 11.08 34.12 9.62
C PHE A 773 12.08 35.01 8.92
N SER A 774 12.40 34.69 7.68
CA SER A 774 13.23 35.57 6.88
C SER A 774 12.47 36.87 6.58
N PRO A 775 13.18 37.99 6.59
CA PRO A 775 12.49 39.28 6.37
C PRO A 775 11.83 39.40 5.01
N GLU A 776 12.37 38.75 3.99
CA GLU A 776 11.71 38.77 2.69
C GLU A 776 10.40 38.01 2.73
N ASN A 777 10.37 36.88 3.44
CA ASN A 777 9.10 36.19 3.64
C ASN A 777 8.15 37.02 4.49
N LEU A 778 8.69 37.86 5.35
CA LEU A 778 7.84 38.77 6.11
C LEU A 778 7.27 39.86 5.21
N ALA A 779 8.02 40.28 4.20
CA ALA A 779 7.53 41.32 3.30
C ALA A 779 6.39 40.79 2.44
N LYS A 780 6.60 39.65 1.78
CA LYS A 780 5.54 38.99 1.03
C LYS A 780 5.52 37.53 1.44
N THR A 781 4.34 37.04 1.77
CA THR A 781 4.21 35.74 2.43
C THR A 781 4.23 34.64 1.39
N SER A 782 5.34 33.91 1.33
CA SER A 782 5.37 32.68 0.57
C SER A 782 5.28 31.45 1.45
N ILE A 783 5.78 31.54 2.67
CA ILE A 783 5.74 30.46 3.64
C ILE A 783 4.85 30.90 4.78
N LYS A 784 3.70 30.24 4.93
CA LYS A 784 2.71 30.65 5.92
C LYS A 784 2.72 29.69 7.10
N LEU A 785 2.85 30.25 8.29
CA LEU A 785 2.65 29.48 9.50
C LEU A 785 1.17 29.16 9.67
N ASN A 786 0.86 27.91 9.99
CA ASN A 786 -0.52 27.48 10.13
C ASN A 786 -0.86 27.25 11.59
N GLY A 787 -2.15 27.08 11.85
CA GLY A 787 -2.64 26.82 13.19
C GLY A 787 -2.62 25.34 13.53
N GLN A 788 -3.23 25.04 14.67
CA GLN A 788 -3.35 23.68 15.22
C GLN A 788 -1.95 23.09 15.39
N ALA A 789 -1.26 23.58 16.41
CA ALA A 789 0.02 23.01 16.78
C ALA A 789 -0.13 22.32 18.12
N GLU A 790 0.44 21.13 18.22
CA GLU A 790 0.30 20.36 19.43
C GLU A 790 1.66 20.17 20.07
N LEU A 791 1.64 19.76 21.33
CA LEU A 791 2.84 19.49 22.09
C LEU A 791 2.76 18.08 22.64
N PHE A 792 3.81 17.31 22.45
CA PHE A 792 3.83 15.94 22.92
C PHE A 792 4.89 15.75 23.98
N TYR A 793 4.53 15.03 25.02
CA TYR A 793 5.47 14.57 26.02
C TYR A 793 5.64 13.07 25.84
N ARG A 794 6.88 12.63 25.70
CA ARG A 794 7.21 11.23 25.66
C ARG A 794 8.10 10.93 26.85
N PRO A 795 7.81 9.90 27.63
CA PRO A 795 8.68 9.58 28.76
C PRO A 795 10.00 8.98 28.31
N LYS A 796 10.87 8.69 29.27
CA LYS A 796 12.15 8.11 28.95
C LYS A 796 12.00 6.69 28.43
N SER A 797 13.05 6.18 27.81
CA SER A 797 13.03 4.82 27.28
C SER A 797 14.41 4.18 27.28
N HIS A 860 36.51 11.02 20.67
CA HIS A 860 35.75 11.25 21.89
C HIS A 860 34.60 10.27 21.99
N GLU A 861 34.31 9.80 23.20
CA GLU A 861 33.24 8.84 23.41
C GLU A 861 31.90 9.56 23.52
N ILE A 862 30.94 9.11 22.74
CA ILE A 862 29.57 9.63 22.77
C ILE A 862 28.67 8.50 23.27
N ILE A 863 27.59 8.87 23.94
CA ILE A 863 26.65 7.88 24.45
C ILE A 863 25.76 7.39 23.32
N LYS A 864 25.75 6.07 23.12
CA LYS A 864 24.86 5.45 22.14
C LYS A 864 23.42 5.53 22.64
N ASP A 865 22.50 5.83 21.71
CA ASP A 865 21.06 5.95 21.97
C ASP A 865 20.78 7.00 23.05
N ARG A 866 21.42 8.17 22.88
CA ARG A 866 21.31 9.23 23.88
C ARG A 866 19.92 9.84 23.90
N ARG A 867 19.25 9.92 22.75
CA ARG A 867 18.01 10.67 22.64
C ARG A 867 16.81 9.96 23.27
N PHE A 868 16.94 8.70 23.69
CA PHE A 868 15.87 8.01 24.38
C PHE A 868 16.09 7.91 25.88
N THR A 869 17.23 8.39 26.39
CA THR A 869 17.59 8.19 27.78
C THR A 869 16.67 8.91 28.75
N SER A 870 16.25 10.13 28.43
CA SER A 870 15.38 10.89 29.31
C SER A 870 14.14 11.31 28.56
N ASP A 871 13.14 11.74 29.31
CA ASP A 871 11.90 12.22 28.72
C ASP A 871 12.13 13.55 28.02
N LYS A 872 11.41 13.77 26.92
CA LYS A 872 11.57 14.97 26.13
C LYS A 872 10.20 15.50 25.76
N PHE A 873 10.15 16.82 25.55
CA PHE A 873 8.91 17.48 25.12
C PHE A 873 9.01 17.74 23.63
N PHE A 874 8.09 17.15 22.87
CA PHE A 874 8.12 17.28 21.44
C PHE A 874 7.19 18.40 21.00
N PHE A 875 7.40 18.88 19.79
CA PHE A 875 6.58 19.96 19.25
C PHE A 875 6.36 19.71 17.77
N HIS A 876 5.10 19.66 17.37
CA HIS A 876 4.74 19.50 15.97
C HIS A 876 4.04 20.77 15.52
N VAL A 877 4.36 21.24 14.32
CA VAL A 877 3.77 22.46 13.81
C VAL A 877 3.59 22.37 12.30
N PRO A 878 2.42 22.73 11.78
CA PRO A 878 2.20 22.68 10.34
C PRO A 878 2.50 24.02 9.69
N ILE A 879 3.12 23.94 8.51
CA ILE A 879 3.40 25.11 7.70
C ILE A 879 2.91 24.84 6.30
N THR A 880 2.72 25.92 5.55
CA THR A 880 2.20 25.83 4.19
C THR A 880 3.14 26.56 3.25
N LEU A 881 3.53 25.90 2.17
CA LEU A 881 4.49 26.42 1.22
C LEU A 881 3.76 26.90 -0.03
N ASN A 882 4.38 27.87 -0.70
CA ASN A 882 3.81 28.54 -1.87
C ASN A 882 2.43 29.11 -1.55
N TYR A 883 2.41 29.99 -0.55
CA TYR A 883 1.15 30.52 -0.07
C TYR A 883 0.45 31.37 -1.14
N GLN A 884 1.22 32.14 -1.89
CA GLN A 884 0.63 33.00 -2.90
C GLN A 884 0.00 32.21 -4.05
N ALA A 885 0.36 30.95 -4.21
CA ALA A 885 -0.15 30.15 -5.31
C ALA A 885 -1.58 29.73 -5.03
N ALA A 886 -2.17 29.03 -6.01
CA ALA A 886 -3.54 28.59 -5.88
C ALA A 886 -3.64 27.44 -4.90
N ASN A 887 -4.88 27.12 -4.52
CA ASN A 887 -5.11 26.08 -3.53
C ASN A 887 -4.77 24.70 -4.08
N SER A 888 -5.18 24.41 -5.32
CA SER A 888 -4.96 23.11 -5.92
C SER A 888 -4.45 23.31 -7.34
N PRO A 889 -3.57 22.43 -7.80
CA PRO A 889 -3.08 22.55 -9.18
C PRO A 889 -4.17 22.23 -10.18
N SER A 890 -4.08 22.84 -11.34
CA SER A 890 -5.08 22.66 -12.38
C SER A 890 -4.39 22.59 -13.74
N LYS A 891 -4.72 21.55 -14.50
CA LYS A 891 -4.16 21.31 -15.84
C LYS A 891 -2.63 21.28 -15.81
N PHE A 892 -2.09 20.69 -14.75
CA PHE A 892 -0.65 20.69 -14.53
C PHE A 892 0.06 19.91 -15.62
N ASN A 893 -0.46 18.74 -15.97
CA ASN A 893 0.13 17.96 -17.04
C ASN A 893 0.01 18.68 -18.36
N GLN A 894 -1.05 19.47 -18.54
CA GLN A 894 -1.17 20.27 -19.76
C GLN A 894 -0.07 21.30 -19.84
N ARG A 895 0.25 21.94 -18.73
CA ARG A 895 1.35 22.91 -18.70
C ARG A 895 2.68 22.23 -19.00
N VAL A 896 2.90 21.04 -18.43
CA VAL A 896 4.13 20.31 -18.68
C VAL A 896 4.25 19.94 -20.15
N ASN A 897 3.15 19.45 -20.73
CA ASN A 897 3.15 19.08 -22.15
C ASN A 897 3.38 20.30 -23.03
N ALA A 898 2.82 21.44 -22.65
CA ALA A 898 3.05 22.66 -23.40
C ALA A 898 4.52 23.05 -23.37
N TYR A 899 5.15 22.97 -22.20
CA TYR A 899 6.57 23.32 -22.12
C TYR A 899 7.44 22.37 -22.94
N LEU A 900 7.13 21.07 -22.86
CA LEU A 900 7.91 20.12 -23.65
C LEU A 900 7.65 20.29 -25.14
N LYS A 901 6.45 20.71 -25.51
CA LYS A 901 6.16 21.01 -26.90
C LYS A 901 6.99 22.19 -27.37
N GLU A 902 7.14 23.20 -26.53
CA GLU A 902 7.94 24.35 -26.91
C GLU A 902 9.43 24.09 -26.80
N HIS A 903 9.83 23.00 -26.16
CA HIS A 903 11.24 22.67 -25.98
C HIS A 903 11.48 21.23 -26.43
N PRO A 904 11.62 21.01 -27.73
CA PRO A 904 11.90 19.65 -28.22
C PRO A 904 13.28 19.15 -27.85
N GLU A 905 14.17 20.03 -27.41
CA GLU A 905 15.56 19.70 -27.15
C GLU A 905 15.78 19.21 -25.73
N THR A 906 14.71 18.88 -25.03
CA THR A 906 14.82 18.48 -23.63
C THR A 906 15.44 17.08 -23.54
N PRO A 907 16.41 16.87 -22.67
CA PRO A 907 16.97 15.53 -22.49
C PRO A 907 15.99 14.59 -21.79
N ILE A 908 16.36 13.31 -21.70
CA ILE A 908 15.52 12.29 -21.07
C ILE A 908 16.39 11.47 -20.13
N ILE A 909 15.89 11.20 -18.93
CA ILE A 909 16.58 10.38 -17.95
C ILE A 909 15.80 9.08 -17.79
N GLY A 910 16.49 7.95 -17.90
CA GLY A 910 15.87 6.64 -17.78
C GLY A 910 16.33 5.92 -16.51
N ILE A 911 15.40 5.21 -15.89
CA ILE A 911 15.62 4.54 -14.61
C ILE A 911 15.35 3.06 -14.80
N ASP A 912 16.24 2.21 -14.29
CA ASP A 912 16.03 0.78 -14.40
C ASP A 912 16.58 0.15 -13.13
N ARG A 913 15.94 -0.93 -12.70
CA ARG A 913 16.37 -1.70 -11.55
C ARG A 913 17.19 -2.90 -12.02
N GLY A 914 18.49 -2.89 -11.70
CA GLY A 914 19.41 -3.87 -12.21
C GLY A 914 19.55 -5.09 -11.31
N GLU A 915 20.36 -6.03 -11.77
CA GLU A 915 20.73 -7.19 -10.98
C GLU A 915 21.99 -6.96 -10.16
N ARG A 916 23.03 -6.40 -10.78
CA ARG A 916 24.20 -6.05 -10.00
C ARG A 916 23.93 -4.76 -9.26
N ASN A 917 23.47 -3.73 -9.97
CA ASN A 917 23.14 -2.44 -9.39
C ASN A 917 21.75 -2.49 -8.78
N LEU A 918 21.58 -1.78 -7.68
CA LEU A 918 20.23 -1.57 -7.16
C LEU A 918 19.43 -0.72 -8.13
N ILE A 919 20.06 0.28 -8.74
CA ILE A 919 19.41 1.15 -9.71
C ILE A 919 20.49 1.66 -10.65
N TYR A 920 20.08 2.04 -11.86
CA TYR A 920 21.00 2.61 -12.83
C TYR A 920 20.34 3.74 -13.59
N ILE A 921 21.14 4.71 -14.00
CA ILE A 921 20.65 5.94 -14.61
C ILE A 921 21.33 6.10 -15.96
N THR A 922 20.58 6.61 -16.94
CA THR A 922 21.12 6.98 -18.24
C THR A 922 20.51 8.30 -18.68
N VAL A 923 21.33 9.14 -19.32
CA VAL A 923 20.89 10.43 -19.81
C VAL A 923 21.04 10.45 -21.32
N ILE A 924 19.95 10.73 -22.02
CA ILE A 924 19.97 10.78 -23.48
C ILE A 924 19.37 12.10 -23.95
N ASP A 925 19.72 12.47 -25.17
CA ASP A 925 19.19 13.66 -25.82
C ASP A 925 17.96 13.27 -26.64
N SER A 926 17.52 14.19 -27.51
CA SER A 926 16.49 13.85 -28.46
C SER A 926 16.99 12.92 -29.56
N THR A 927 18.30 12.88 -29.78
CA THR A 927 18.89 12.03 -30.79
C THR A 927 19.28 10.66 -30.26
N GLY A 928 19.01 10.39 -28.99
CA GLY A 928 19.36 9.10 -28.42
C GLY A 928 20.82 8.93 -28.07
N LYS A 929 21.60 10.00 -28.13
CA LYS A 929 23.00 9.92 -27.76
C LYS A 929 23.14 9.93 -26.25
N ILE A 930 24.02 9.07 -25.74
CA ILE A 930 24.20 8.93 -24.30
C ILE A 930 24.99 10.14 -23.81
N LEU A 931 24.34 11.00 -23.02
CA LEU A 931 25.10 12.02 -22.32
C LEU A 931 25.88 11.42 -21.17
N GLU A 932 25.22 10.59 -20.36
CA GLU A 932 25.87 10.04 -19.17
C GLU A 932 25.08 8.83 -18.70
N GLN A 933 25.80 7.80 -18.28
CA GLN A 933 25.27 6.72 -17.48
C GLN A 933 26.13 6.62 -16.22
N ARG A 934 25.56 6.09 -15.15
CA ARG A 934 26.32 5.97 -13.91
C ARG A 934 25.72 4.90 -13.03
N SER A 935 26.59 4.28 -12.24
CA SER A 935 26.15 3.33 -11.21
C SER A 935 25.73 4.09 -9.97
N LEU A 936 24.59 3.69 -9.41
CA LEU A 936 24.15 4.17 -8.12
C LEU A 936 24.10 3.03 -7.12
N ASN A 937 24.85 1.96 -7.41
CA ASN A 937 24.90 0.79 -6.54
C ASN A 937 25.47 1.16 -5.18
N THR A 938 26.53 1.96 -5.16
CA THR A 938 27.09 2.44 -3.92
C THR A 938 26.98 3.96 -3.89
N ILE A 939 26.47 4.47 -2.78
CA ILE A 939 26.41 5.90 -2.50
C ILE A 939 27.07 6.11 -1.15
N GLN A 940 28.07 7.00 -1.11
CA GLN A 940 28.96 7.18 0.04
C GLN A 940 29.56 5.81 0.42
N GLN A 941 30.16 5.18 -0.60
CA GLN A 941 30.88 3.89 -0.54
C GLN A 941 30.23 2.86 0.40
N PHE A 942 28.99 2.48 0.08
CA PHE A 942 28.31 1.47 0.87
C PHE A 942 27.53 0.53 -0.04
N ASP A 943 27.58 -0.76 0.31
CA ASP A 943 26.80 -1.78 -0.38
C ASP A 943 25.55 -2.05 0.42
N TYR A 944 24.41 -1.60 -0.10
CA TYR A 944 23.14 -1.66 0.61
C TYR A 944 22.38 -2.94 0.36
N GLN A 945 22.61 -3.58 -0.79
CA GLN A 945 21.94 -4.83 -1.12
C GLN A 945 22.34 -5.94 -0.14
N LYS A 946 23.58 -5.90 0.33
CA LYS A 946 24.04 -6.87 1.31
C LYS A 946 23.20 -6.79 2.58
N LYS A 947 23.09 -5.58 3.15
CA LYS A 947 22.29 -5.39 4.35
C LYS A 947 20.83 -5.70 4.11
N LEU A 948 20.34 -5.42 2.90
CA LEU A 948 18.97 -5.80 2.55
C LEU A 948 18.76 -7.30 2.64
N ASP A 949 19.68 -8.08 2.08
CA ASP A 949 19.48 -9.53 2.10
C ASP A 949 19.69 -10.11 3.49
N ASN A 950 20.62 -9.56 4.29
CA ASN A 950 20.73 -10.05 5.65
C ASN A 950 19.47 -9.76 6.45
N ARG A 951 18.90 -8.54 6.28
CA ARG A 951 17.69 -8.22 7.01
C ARG A 951 16.52 -9.09 6.57
N GLU A 952 16.42 -9.38 5.27
CA GLU A 952 15.35 -10.25 4.80
C GLU A 952 15.51 -11.67 5.32
N LYS A 953 16.74 -12.19 5.35
CA LYS A 953 16.91 -13.56 5.82
C LYS A 953 16.68 -13.66 7.32
N GLU A 954 17.04 -12.63 8.08
CA GLU A 954 16.67 -12.61 9.49
C GLU A 954 15.16 -12.43 9.67
N ARG A 955 14.49 -11.76 8.75
CA ARG A 955 13.03 -11.64 8.83
C ARG A 955 12.37 -13.01 8.69
N VAL A 956 12.73 -13.76 7.66
CA VAL A 956 12.14 -15.08 7.51
C VAL A 956 12.66 -16.05 8.55
N ALA A 957 13.87 -15.83 9.08
CA ALA A 957 14.39 -16.68 10.15
C ALA A 957 13.68 -16.42 11.46
N ALA A 958 13.24 -15.19 11.68
CA ALA A 958 12.46 -14.85 12.85
C ALA A 958 10.99 -15.18 12.67
N ARG A 959 10.56 -15.44 11.43
CA ARG A 959 9.14 -15.69 11.16
C ARG A 959 8.65 -16.94 11.87
N GLN A 960 9.23 -18.10 11.56
CA GLN A 960 8.85 -19.31 12.28
C GLN A 960 9.47 -19.38 13.66
N ALA A 961 10.40 -18.49 13.99
CA ALA A 961 11.04 -18.49 15.29
C ALA A 961 10.21 -17.84 16.37
N TRP A 962 9.01 -17.36 16.04
CA TRP A 962 8.10 -16.65 16.96
C TRP A 962 8.78 -15.41 17.56
N SER A 963 9.60 -14.75 16.76
CA SER A 963 10.36 -13.61 17.24
C SER A 963 9.64 -12.31 16.94
N VAL A 964 10.31 -11.20 17.22
CA VAL A 964 9.77 -9.90 16.86
C VAL A 964 9.76 -9.78 15.34
N VAL A 965 8.80 -9.01 14.83
CA VAL A 965 8.64 -8.91 13.38
C VAL A 965 9.66 -7.94 12.81
N GLY A 966 9.84 -6.79 13.47
CA GLY A 966 10.79 -5.80 13.01
C GLY A 966 10.32 -5.07 11.77
N THR A 967 11.16 -4.15 11.31
CA THR A 967 10.90 -3.41 10.08
C THR A 967 12.18 -3.34 9.26
N ILE A 968 12.01 -3.29 7.94
CA ILE A 968 13.12 -3.07 7.03
C ILE A 968 13.13 -1.66 6.47
N LYS A 969 12.16 -0.83 6.81
CA LYS A 969 11.84 0.35 6.00
C LYS A 969 12.77 1.52 6.31
N ASP A 970 13.50 1.47 7.42
CA ASP A 970 14.46 2.51 7.69
C ASP A 970 15.67 2.40 6.77
N LEU A 971 16.20 1.18 6.58
CA LEU A 971 17.28 0.97 5.64
C LEU A 971 16.82 1.23 4.21
N LYS A 972 15.60 0.80 3.90
CA LYS A 972 14.90 1.15 2.68
C LYS A 972 15.01 2.63 2.36
N GLN A 973 14.39 3.48 3.18
CA GLN A 973 14.33 4.89 2.85
C GLN A 973 15.70 5.56 3.03
N GLY A 974 16.58 4.97 3.82
CA GLY A 974 17.94 5.49 3.91
C GLY A 974 18.68 5.38 2.60
N TYR A 975 18.61 4.22 1.95
CA TYR A 975 19.21 4.10 0.61
C TYR A 975 18.46 4.94 -0.40
N LEU A 976 17.13 4.89 -0.35
CA LEU A 976 16.34 5.58 -1.36
C LEU A 976 16.49 7.09 -1.27
N SER A 977 16.82 7.64 -0.09
CA SER A 977 17.05 9.07 0.03
C SER A 977 18.25 9.52 -0.77
N GLN A 978 19.35 8.77 -0.69
CA GLN A 978 20.53 9.11 -1.47
C GLN A 978 20.27 8.94 -2.95
N VAL A 979 19.50 7.92 -3.31
CA VAL A 979 19.08 7.76 -4.70
C VAL A 979 18.29 8.98 -5.16
N ILE A 980 17.37 9.43 -4.33
CA ILE A 980 16.52 10.58 -4.67
C ILE A 980 17.38 11.82 -4.85
N HIS A 981 18.32 12.04 -3.95
CA HIS A 981 19.15 13.24 -4.00
C HIS A 981 20.01 13.27 -5.25
N GLU A 982 20.60 12.12 -5.61
CA GLU A 982 21.36 12.06 -6.85
C GLU A 982 20.46 12.30 -8.05
N ILE A 983 19.24 11.78 -8.00
CA ILE A 983 18.29 11.95 -9.09
C ILE A 983 17.96 13.42 -9.30
N VAL A 984 17.69 14.13 -8.21
CA VAL A 984 17.27 15.52 -8.39
C VAL A 984 18.46 16.38 -8.75
N ASP A 985 19.66 16.02 -8.28
CA ASP A 985 20.85 16.75 -8.70
C ASP A 985 21.04 16.65 -10.21
N LEU A 986 20.90 15.43 -10.75
CA LEU A 986 20.94 15.25 -12.19
C LEU A 986 19.83 16.02 -12.88
N MET A 987 18.64 16.03 -12.28
CA MET A 987 17.49 16.70 -12.86
C MET A 987 17.70 18.20 -13.00
N ILE A 988 18.14 18.85 -11.93
CA ILE A 988 18.33 20.29 -12.00
C ILE A 988 19.52 20.60 -12.91
N HIS A 989 20.51 19.71 -12.94
CA HIS A 989 21.67 19.97 -13.78
C HIS A 989 21.31 19.87 -15.26
N TYR A 990 20.39 18.99 -15.62
CA TYR A 990 20.16 18.73 -17.03
C TYR A 990 18.87 19.34 -17.57
N GLN A 991 17.91 19.66 -16.71
CA GLN A 991 16.60 20.17 -17.11
C GLN A 991 15.92 19.22 -18.11
N ALA A 992 15.69 18.00 -17.63
CA ALA A 992 15.25 16.90 -18.48
C ALA A 992 13.89 16.42 -18.00
N VAL A 993 13.46 15.29 -18.55
CA VAL A 993 12.36 14.56 -17.94
C VAL A 993 12.85 13.20 -17.46
N VAL A 994 12.04 12.56 -16.63
CA VAL A 994 12.42 11.30 -16.00
C VAL A 994 11.35 10.26 -16.31
N VAL A 995 11.78 9.09 -16.76
CA VAL A 995 10.89 8.00 -17.13
C VAL A 995 11.09 6.87 -16.15
N LEU A 996 9.98 6.35 -15.61
CA LEU A 996 9.99 5.19 -14.73
C LEU A 996 9.16 4.09 -15.36
N GLU A 997 9.41 2.86 -14.92
CA GLU A 997 8.62 1.74 -15.38
C GLU A 997 7.29 1.71 -14.63
N ASN A 998 6.23 1.29 -15.33
CA ASN A 998 4.97 1.06 -14.66
C ASN A 998 5.10 -0.14 -13.74
N LEU A 999 4.72 0.05 -12.47
CA LEU A 999 4.87 -1.03 -11.50
C LEU A 999 3.83 -2.13 -11.72
N ASN A 1000 2.68 -1.78 -12.29
CA ASN A 1000 1.62 -2.75 -12.45
C ASN A 1000 1.88 -3.74 -13.58
N PHE A 1001 2.67 -3.35 -14.58
CA PHE A 1001 2.77 -4.10 -15.83
C PHE A 1001 4.03 -4.95 -15.88
N GLY A 1002 4.55 -5.35 -14.73
CA GLY A 1002 5.81 -6.08 -14.72
C GLY A 1002 5.94 -6.97 -13.51
N PHE A 1003 6.95 -7.84 -13.55
CA PHE A 1003 7.22 -8.79 -12.50
C PHE A 1003 8.71 -9.04 -12.42
N LYS A 1004 9.23 -9.09 -11.19
CA LYS A 1004 10.64 -9.33 -10.94
C LYS A 1004 10.77 -10.13 -9.65
N SER A 1005 11.99 -10.57 -9.38
CA SER A 1005 12.26 -11.36 -8.18
C SER A 1005 13.69 -11.07 -7.72
N LYS A 1006 14.23 -11.95 -6.89
CA LYS A 1006 15.50 -11.73 -6.21
C LYS A 1006 16.72 -11.77 -7.12
N ARG A 1007 16.56 -12.18 -8.38
CA ARG A 1007 17.67 -12.14 -9.31
C ARG A 1007 18.16 -10.70 -9.51
N THR A 1008 17.23 -9.76 -9.59
CA THR A 1008 17.53 -8.35 -9.57
C THR A 1008 17.81 -7.88 -8.15
N GLY A 1009 18.48 -6.73 -8.04
CA GLY A 1009 18.96 -6.26 -6.76
C GLY A 1009 17.90 -5.81 -5.78
N ILE A 1010 17.24 -4.69 -6.08
CA ILE A 1010 16.29 -4.09 -5.16
C ILE A 1010 14.85 -4.52 -5.43
N ALA A 1011 14.60 -5.23 -6.53
CA ALA A 1011 13.25 -5.39 -7.06
C ALA A 1011 12.43 -6.35 -6.21
N GLU A 1012 11.95 -5.83 -5.09
CA GLU A 1012 10.74 -6.32 -4.47
C GLU A 1012 9.64 -5.34 -4.81
N LYS A 1013 8.50 -5.86 -5.25
CA LYS A 1013 7.43 -5.00 -5.79
C LYS A 1013 6.96 -3.99 -4.77
N ALA A 1014 6.77 -4.42 -3.52
CA ALA A 1014 6.43 -3.48 -2.47
C ALA A 1014 7.55 -2.49 -2.21
N VAL A 1015 8.81 -2.93 -2.35
CA VAL A 1015 9.94 -2.04 -2.10
C VAL A 1015 9.98 -0.95 -3.14
N TYR A 1016 9.89 -1.31 -4.42
CA TYR A 1016 10.15 -0.35 -5.46
C TYR A 1016 8.93 0.52 -5.72
N GLN A 1017 7.72 -0.02 -5.56
CA GLN A 1017 6.53 0.80 -5.75
C GLN A 1017 6.50 1.97 -4.77
N GLN A 1018 6.92 1.74 -3.53
CA GLN A 1018 7.02 2.80 -2.55
C GLN A 1018 8.06 3.84 -2.95
N PHE A 1019 9.06 3.45 -3.76
CA PHE A 1019 10.09 4.39 -4.19
C PHE A 1019 9.54 5.50 -5.07
N GLU A 1020 8.43 5.27 -5.77
CA GLU A 1020 7.82 6.35 -6.54
C GLU A 1020 7.33 7.47 -5.64
N LYS A 1021 6.90 7.14 -4.43
CA LYS A 1021 6.16 8.09 -3.61
C LYS A 1021 7.03 9.26 -3.19
N MET A 1022 8.21 8.98 -2.62
CA MET A 1022 9.07 10.08 -2.17
C MET A 1022 9.60 10.86 -3.36
N LEU A 1023 9.77 10.20 -4.50
CA LEU A 1023 10.06 10.93 -5.74
C LEU A 1023 8.97 11.94 -6.05
N ILE A 1024 7.70 11.52 -5.94
CA ILE A 1024 6.59 12.39 -6.28
C ILE A 1024 6.55 13.61 -5.35
N ASP A 1025 6.59 13.40 -4.04
CA ASP A 1025 6.36 14.61 -3.25
C ASP A 1025 7.64 15.40 -3.07
N LYS A 1026 8.80 14.79 -3.27
CA LYS A 1026 10.02 15.57 -3.31
C LYS A 1026 10.02 16.46 -4.54
N LEU A 1027 9.48 15.97 -5.65
CA LEU A 1027 9.35 16.85 -6.80
C LEU A 1027 8.13 17.76 -6.69
N ASN A 1028 7.28 17.57 -5.69
CA ASN A 1028 6.17 18.49 -5.49
C ASN A 1028 6.66 19.85 -5.03
N CYS A 1029 7.59 19.89 -4.09
CA CYS A 1029 8.06 21.14 -3.52
C CYS A 1029 9.58 21.13 -3.41
N LEU A 1030 10.24 20.79 -4.51
CA LEU A 1030 11.68 20.65 -4.51
C LEU A 1030 12.38 21.97 -4.26
N VAL A 1031 13.26 21.98 -3.27
CA VAL A 1031 14.20 23.07 -3.04
C VAL A 1031 15.60 22.46 -2.98
N LEU A 1032 16.60 23.32 -3.09
CA LEU A 1032 17.99 22.91 -3.01
C LEU A 1032 18.68 23.69 -1.90
N LYS A 1033 19.47 22.97 -1.10
CA LYS A 1033 20.00 23.55 0.12
C LYS A 1033 21.01 24.66 -0.14
N ASP A 1034 21.72 24.60 -1.27
CA ASP A 1034 22.72 25.60 -1.54
C ASP A 1034 22.22 26.74 -2.39
N TYR A 1035 20.97 26.73 -2.78
CA TYR A 1035 20.48 27.79 -3.63
C TYR A 1035 20.23 29.05 -2.82
N PRO A 1036 20.31 30.22 -3.45
CA PRO A 1036 19.82 31.44 -2.81
C PRO A 1036 18.33 31.34 -2.57
N ALA A 1037 17.90 31.89 -1.43
CA ALA A 1037 16.53 31.69 -0.97
C ALA A 1037 15.51 32.34 -1.89
N GLU A 1038 15.88 33.43 -2.53
CA GLU A 1038 14.98 34.11 -3.46
C GLU A 1038 15.00 33.51 -4.85
N LYS A 1039 15.99 32.69 -5.17
CA LYS A 1039 16.09 32.12 -6.49
C LYS A 1039 15.10 30.96 -6.64
N VAL A 1040 14.77 30.64 -7.88
CA VAL A 1040 13.94 29.48 -8.16
C VAL A 1040 14.71 28.24 -7.76
N GLY A 1041 14.06 27.37 -6.98
CA GLY A 1041 14.75 26.30 -6.33
C GLY A 1041 15.26 26.64 -4.95
N GLY A 1042 15.16 27.90 -4.55
CA GLY A 1042 15.43 28.29 -3.19
C GLY A 1042 14.24 28.01 -2.30
N VAL A 1043 14.33 28.51 -1.08
CA VAL A 1043 13.26 28.26 -0.10
C VAL A 1043 12.00 28.99 -0.51
N LEU A 1044 12.12 30.27 -0.84
CA LEU A 1044 10.94 31.07 -1.14
C LEU A 1044 10.37 30.77 -2.50
N ASN A 1045 11.11 30.08 -3.37
CA ASN A 1045 10.61 29.69 -4.69
C ASN A 1045 10.92 28.22 -4.90
N PRO A 1046 10.13 27.33 -4.30
CA PRO A 1046 10.36 25.90 -4.50
C PRO A 1046 9.98 25.47 -5.91
N TYR A 1047 10.77 24.55 -6.45
CA TYR A 1047 10.44 23.96 -7.73
C TYR A 1047 9.25 23.02 -7.56
N GLN A 1048 8.21 23.23 -8.36
CA GLN A 1048 7.07 22.33 -8.42
C GLN A 1048 7.13 21.62 -9.77
N LEU A 1049 7.23 20.29 -9.74
CA LEU A 1049 7.35 19.53 -10.97
C LEU A 1049 6.36 18.39 -11.09
N THR A 1050 5.66 18.04 -10.02
CA THR A 1050 4.72 16.94 -10.07
C THR A 1050 3.41 17.36 -9.45
N ASP A 1051 2.46 16.43 -9.44
CA ASP A 1051 1.20 16.68 -8.77
C ASP A 1051 1.15 15.92 -7.45
N GLN A 1052 0.10 16.17 -6.69
CA GLN A 1052 -0.06 15.53 -5.40
C GLN A 1052 -0.39 14.05 -5.59
N PHE A 1053 0.36 13.19 -4.93
CA PHE A 1053 0.13 11.75 -5.04
C PHE A 1053 -1.14 11.37 -4.30
N THR A 1054 -1.96 10.54 -4.93
CA THR A 1054 -3.17 10.01 -4.29
C THR A 1054 -3.09 8.50 -4.10
N SER A 1055 -2.89 7.74 -5.18
CA SER A 1055 -2.83 6.30 -5.09
C SER A 1055 -2.12 5.79 -6.33
N PHE A 1056 -1.44 4.65 -6.17
CA PHE A 1056 -0.65 4.08 -7.26
C PHE A 1056 -1.50 3.73 -8.46
N ALA A 1057 -2.71 3.23 -8.22
CA ALA A 1057 -3.59 2.89 -9.34
C ALA A 1057 -4.22 4.12 -9.96
N LYS A 1058 -4.08 5.28 -9.33
CA LYS A 1058 -4.83 6.44 -9.81
C LYS A 1058 -4.19 7.10 -11.02
N MET A 1059 -2.92 7.47 -10.96
CA MET A 1059 -2.38 8.31 -12.03
C MET A 1059 -2.18 7.47 -13.29
N GLY A 1060 -2.17 8.14 -14.43
CA GLY A 1060 -1.91 7.50 -15.70
C GLY A 1060 -0.43 7.29 -15.91
N THR A 1061 -0.03 7.37 -17.18
CA THR A 1061 1.38 7.23 -17.49
C THR A 1061 2.17 8.48 -17.14
N GLN A 1062 1.52 9.63 -17.04
CA GLN A 1062 2.19 10.90 -16.84
C GLN A 1062 1.83 11.47 -15.48
N SER A 1063 2.84 11.88 -14.73
CA SER A 1063 2.66 12.62 -13.48
C SER A 1063 3.63 13.80 -13.52
N GLY A 1064 3.19 14.89 -14.11
CA GLY A 1064 4.06 16.05 -14.24
C GLY A 1064 5.20 15.73 -15.19
N PHE A 1065 6.42 15.97 -14.73
CA PHE A 1065 7.59 15.64 -15.52
C PHE A 1065 7.96 14.18 -15.48
N LEU A 1066 7.32 13.39 -14.62
CA LEU A 1066 7.59 11.97 -14.58
C LEU A 1066 6.77 11.25 -15.64
N PHE A 1067 7.25 10.10 -16.07
CA PHE A 1067 6.53 9.31 -17.06
C PHE A 1067 6.64 7.83 -16.73
N TYR A 1068 5.58 7.10 -17.04
CA TYR A 1068 5.46 5.68 -16.71
C TYR A 1068 5.30 4.88 -18.00
N VAL A 1069 6.03 3.78 -18.09
CA VAL A 1069 6.02 2.94 -19.28
C VAL A 1069 5.99 1.48 -18.86
N PRO A 1070 5.51 0.60 -19.74
CA PRO A 1070 5.58 -0.84 -19.43
C PRO A 1070 7.00 -1.33 -19.24
N ALA A 1071 7.15 -2.21 -18.26
CA ALA A 1071 8.48 -2.73 -17.92
C ALA A 1071 9.07 -3.68 -18.96
N PRO A 1072 8.40 -4.76 -19.41
CA PRO A 1072 9.11 -5.77 -20.19
C PRO A 1072 9.47 -5.28 -21.59
N TYR A 1073 10.21 -6.13 -22.29
CA TYR A 1073 10.87 -5.79 -23.55
C TYR A 1073 11.70 -4.52 -23.39
N THR A 1074 12.52 -4.51 -22.35
CA THR A 1074 13.44 -3.41 -22.12
C THR A 1074 14.90 -3.85 -22.10
N SER A 1075 15.23 -4.88 -21.33
CA SER A 1075 16.63 -5.26 -21.18
C SER A 1075 17.10 -6.28 -22.20
N LYS A 1076 16.18 -7.03 -22.82
CA LYS A 1076 16.61 -8.17 -23.62
C LYS A 1076 17.06 -7.77 -25.02
N ILE A 1077 16.89 -6.51 -25.40
CA ILE A 1077 17.08 -6.16 -26.80
C ILE A 1077 18.52 -5.70 -27.03
N ASP A 1078 19.06 -6.05 -28.18
CA ASP A 1078 20.28 -5.42 -28.66
C ASP A 1078 20.02 -3.94 -28.93
N PRO A 1079 20.80 -3.04 -28.34
CA PRO A 1079 20.64 -1.62 -28.65
C PRO A 1079 20.99 -1.26 -30.07
N LEU A 1080 21.87 -2.03 -30.71
CA LEU A 1080 22.43 -1.61 -31.99
C LEU A 1080 21.40 -1.67 -33.10
N THR A 1081 20.66 -2.76 -33.20
CA THR A 1081 19.68 -2.89 -34.27
C THR A 1081 18.27 -3.16 -33.78
N GLY A 1082 18.07 -3.30 -32.49
CA GLY A 1082 16.75 -3.64 -32.01
C GLY A 1082 16.36 -5.08 -32.19
N PHE A 1083 17.31 -6.00 -32.05
CA PHE A 1083 16.99 -7.42 -32.17
C PHE A 1083 16.74 -8.04 -30.81
N VAL A 1084 15.70 -8.86 -30.74
CA VAL A 1084 15.40 -9.66 -29.55
C VAL A 1084 14.88 -11.00 -30.03
N ASP A 1085 15.09 -12.05 -29.24
CA ASP A 1085 14.61 -13.39 -29.58
C ASP A 1085 13.09 -13.41 -29.61
N PRO A 1086 12.48 -13.86 -30.70
CA PRO A 1086 11.02 -14.00 -30.73
C PRO A 1086 10.51 -15.39 -30.41
N PHE A 1087 11.35 -16.30 -29.95
CA PHE A 1087 10.95 -17.69 -29.79
C PHE A 1087 10.76 -18.07 -28.33
N VAL A 1088 9.61 -18.66 -28.03
CA VAL A 1088 9.32 -19.24 -26.73
C VAL A 1088 9.89 -20.65 -26.74
N TRP A 1089 10.48 -21.06 -25.62
CA TRP A 1089 11.25 -22.29 -25.61
C TRP A 1089 10.62 -23.40 -24.78
N LYS A 1090 9.55 -23.12 -24.05
CA LYS A 1090 8.83 -24.18 -23.38
C LYS A 1090 7.98 -24.99 -24.35
N THR A 1091 7.79 -24.51 -25.58
CA THR A 1091 7.06 -25.27 -26.59
C THR A 1091 7.79 -26.54 -26.97
N ILE A 1092 9.11 -26.46 -27.11
CA ILE A 1092 9.91 -27.60 -27.57
C ILE A 1092 10.26 -28.46 -26.36
N LYS A 1093 9.55 -29.58 -26.20
CA LYS A 1093 9.82 -30.54 -25.14
C LYS A 1093 10.43 -31.83 -25.66
N ASN A 1094 10.11 -32.22 -26.90
CA ASN A 1094 10.62 -33.44 -27.49
C ASN A 1094 11.44 -33.13 -28.73
N HIS A 1095 12.19 -34.13 -29.19
CA HIS A 1095 12.98 -33.99 -30.41
C HIS A 1095 12.13 -33.81 -31.65
N GLU A 1096 10.87 -34.23 -31.61
CA GLU A 1096 9.97 -33.97 -32.73
C GLU A 1096 9.69 -32.47 -32.85
N SER A 1097 9.36 -31.82 -31.73
CA SER A 1097 9.17 -30.38 -31.74
C SER A 1097 10.46 -29.65 -32.07
N ARG A 1098 11.58 -30.15 -31.58
CA ARG A 1098 12.88 -29.54 -31.90
C ARG A 1098 13.18 -29.66 -33.39
N LYS A 1099 12.85 -30.80 -33.99
CA LYS A 1099 13.01 -30.98 -35.43
C LYS A 1099 12.11 -30.05 -36.20
N HIS A 1100 10.85 -29.92 -35.76
CA HIS A 1100 9.93 -28.94 -36.36
C HIS A 1100 10.46 -27.53 -36.23
N PHE A 1101 11.18 -27.25 -35.15
CA PHE A 1101 11.75 -25.92 -34.97
C PHE A 1101 12.92 -25.70 -35.91
N LEU A 1102 13.82 -26.68 -36.02
CA LEU A 1102 15.03 -26.44 -36.81
C LEU A 1102 14.74 -26.48 -38.31
N GLU A 1103 13.69 -27.19 -38.72
CA GLU A 1103 13.34 -27.12 -40.13
C GLU A 1103 12.74 -25.78 -40.52
N GLY A 1104 12.20 -25.04 -39.56
CA GLY A 1104 11.61 -23.75 -39.86
C GLY A 1104 12.64 -22.65 -39.99
N PHE A 1105 13.52 -22.76 -40.97
CA PHE A 1105 14.57 -21.78 -41.18
C PHE A 1105 14.82 -21.61 -42.67
N ASP A 1106 15.31 -20.43 -43.03
CA ASP A 1106 15.42 -20.09 -44.45
C ASP A 1106 16.64 -20.74 -45.09
N PHE A 1107 17.83 -20.35 -44.64
CA PHE A 1107 19.05 -20.80 -45.29
C PHE A 1107 20.21 -20.65 -44.32
N LEU A 1108 21.12 -21.61 -44.34
CA LEU A 1108 22.17 -21.69 -43.35
C LEU A 1108 23.45 -22.16 -44.02
N HIS A 1109 24.55 -21.42 -43.78
CA HIS A 1109 25.81 -21.76 -44.40
C HIS A 1109 26.96 -21.18 -43.58
N TYR A 1110 28.16 -21.66 -43.87
CA TYR A 1110 29.36 -21.28 -43.14
C TYR A 1110 30.23 -20.36 -43.97
N ASP A 1111 30.68 -19.28 -43.35
CA ASP A 1111 31.60 -18.34 -43.98
C ASP A 1111 33.02 -18.83 -43.76
N VAL A 1112 33.65 -19.30 -44.83
CA VAL A 1112 35.05 -19.73 -44.74
C VAL A 1112 35.97 -18.54 -44.58
N LYS A 1113 35.58 -17.37 -45.09
CA LYS A 1113 36.43 -16.19 -45.01
C LYS A 1113 36.48 -15.66 -43.59
N THR A 1114 35.34 -15.35 -43.00
CA THR A 1114 35.31 -14.81 -41.65
C THR A 1114 35.47 -15.91 -40.60
N GLY A 1115 35.31 -17.17 -40.98
CA GLY A 1115 35.38 -18.22 -39.99
C GLY A 1115 34.18 -18.29 -39.07
N ASP A 1116 33.04 -17.76 -39.49
CA ASP A 1116 31.83 -17.77 -38.69
C ASP A 1116 30.72 -18.48 -39.43
N PHE A 1117 29.72 -18.93 -38.67
CA PHE A 1117 28.63 -19.72 -39.20
C PHE A 1117 27.40 -18.83 -39.27
N ILE A 1118 26.80 -18.73 -40.46
CA ILE A 1118 25.80 -17.71 -40.75
C ILE A 1118 24.44 -18.36 -40.91
N LEU A 1119 23.49 -17.98 -40.08
CA LEU A 1119 22.11 -18.41 -40.20
C LEU A 1119 21.27 -17.27 -40.75
N HIS A 1120 20.41 -17.57 -41.72
CA HIS A 1120 19.52 -16.59 -42.31
C HIS A 1120 18.10 -17.02 -42.02
N PHE A 1121 17.31 -16.09 -41.49
CA PHE A 1121 15.99 -16.42 -40.96
C PHE A 1121 14.95 -15.49 -41.54
N LYS A 1122 13.74 -16.03 -41.72
CA LYS A 1122 12.60 -15.28 -42.22
C LYS A 1122 11.40 -15.55 -41.34
N MET A 1123 10.47 -14.61 -41.31
CA MET A 1123 9.21 -14.81 -40.60
C MET A 1123 8.35 -15.83 -41.32
N ASN A 1124 7.15 -16.02 -40.77
CA ASN A 1124 6.16 -17.01 -41.23
C ASN A 1124 6.71 -18.43 -41.16
N ARG A 1125 7.74 -18.63 -40.34
CA ARG A 1125 8.34 -19.93 -40.13
C ARG A 1125 8.50 -20.12 -38.63
N ASN A 1126 8.21 -21.34 -38.16
CA ASN A 1126 8.23 -21.68 -36.74
C ASN A 1126 7.30 -20.79 -35.94
N LEU A 1127 6.13 -20.48 -36.53
CA LEU A 1127 5.17 -19.60 -35.90
C LEU A 1127 4.59 -20.21 -34.64
N SER A 1128 4.49 -21.54 -34.58
CA SER A 1128 4.09 -22.22 -33.36
C SER A 1128 5.10 -22.00 -32.24
N PHE A 1129 6.36 -21.75 -32.58
CA PHE A 1129 7.39 -21.49 -31.60
C PHE A 1129 7.71 -20.02 -31.45
N GLN A 1130 7.15 -19.15 -32.29
CA GLN A 1130 7.36 -17.72 -32.13
C GLN A 1130 6.57 -17.21 -30.93
N ARG A 1131 6.90 -15.98 -30.52
CA ARG A 1131 6.12 -15.30 -29.51
C ARG A 1131 4.96 -14.50 -30.10
N GLY A 1132 4.86 -14.44 -31.42
CA GLY A 1132 3.72 -13.84 -32.06
C GLY A 1132 3.77 -12.34 -32.23
N LEU A 1133 4.89 -11.69 -31.92
CA LEU A 1133 4.99 -10.26 -32.13
C LEU A 1133 5.87 -9.97 -33.34
N PRO A 1134 5.30 -9.51 -34.44
CA PRO A 1134 6.11 -9.23 -35.63
C PRO A 1134 6.99 -8.01 -35.42
N GLY A 1135 8.17 -8.06 -36.05
CA GLY A 1135 9.10 -6.96 -36.01
C GLY A 1135 8.89 -6.01 -37.17
N PHE A 1136 9.75 -5.00 -37.23
CA PHE A 1136 9.68 -4.03 -38.32
C PHE A 1136 10.20 -4.63 -39.62
N MET A 1137 11.31 -5.36 -39.56
CA MET A 1137 11.71 -5.93 -40.83
C MET A 1137 11.58 -7.45 -40.80
N PRO A 1138 11.32 -8.10 -41.95
CA PRO A 1138 11.15 -9.54 -41.96
C PRO A 1138 12.42 -10.35 -42.13
N ALA A 1139 13.59 -9.71 -42.12
CA ALA A 1139 14.84 -10.38 -42.40
C ALA A 1139 15.69 -10.44 -41.15
N TRP A 1140 16.37 -11.56 -40.95
CA TRP A 1140 17.32 -11.71 -39.87
C TRP A 1140 18.45 -12.62 -40.32
N ASP A 1141 19.67 -12.24 -39.96
CA ASP A 1141 20.87 -12.97 -40.36
C ASP A 1141 21.72 -13.20 -39.11
N ILE A 1142 21.46 -14.32 -38.44
CA ILE A 1142 22.15 -14.65 -37.20
C ILE A 1142 23.52 -15.21 -37.54
N VAL A 1143 24.54 -14.75 -36.83
CA VAL A 1143 25.92 -15.18 -37.06
C VAL A 1143 26.41 -15.90 -35.81
N PHE A 1144 26.79 -17.16 -35.97
CA PHE A 1144 27.51 -17.86 -34.93
C PHE A 1144 28.92 -17.29 -34.91
N GLU A 1145 29.16 -16.40 -33.95
CA GLU A 1145 30.44 -15.72 -33.86
C GLU A 1145 31.53 -16.69 -33.44
N LYS A 1146 32.70 -16.56 -34.06
CA LYS A 1146 33.84 -17.38 -33.70
C LYS A 1146 34.35 -16.98 -32.33
N ASN A 1147 34.59 -17.97 -31.47
CA ASN A 1147 35.05 -17.68 -30.12
C ASN A 1147 36.55 -17.44 -30.06
N GLU A 1148 37.02 -16.53 -30.91
CA GLU A 1148 38.39 -16.04 -30.87
C GLU A 1148 38.51 -14.91 -29.86
N THR A 1149 39.74 -14.51 -29.58
CA THR A 1149 39.97 -13.40 -28.68
C THR A 1149 39.64 -12.08 -29.37
N GLN A 1150 39.14 -11.13 -28.60
CA GLN A 1150 38.91 -9.78 -29.07
C GLN A 1150 39.30 -8.83 -27.95
N PHE A 1151 39.52 -7.57 -28.31
CA PHE A 1151 40.03 -6.58 -27.38
C PHE A 1151 39.04 -5.43 -27.23
N ASP A 1152 39.03 -4.84 -26.04
CA ASP A 1152 38.11 -3.77 -25.72
C ASP A 1152 38.73 -2.41 -26.03
N ALA A 1153 38.07 -1.34 -25.57
CA ALA A 1153 38.64 -0.01 -25.71
C ALA A 1153 39.91 0.15 -24.89
N LYS A 1154 39.93 -0.42 -23.68
CA LYS A 1154 41.11 -0.30 -22.83
C LYS A 1154 42.26 -1.15 -23.37
N GLY A 1155 41.99 -2.39 -23.75
CA GLY A 1155 43.04 -3.27 -24.23
C GLY A 1155 43.04 -4.63 -23.55
N THR A 1156 42.01 -4.90 -22.74
CA THR A 1156 42.07 -6.27 -22.23
C THR A 1156 41.43 -7.23 -23.22
N PRO A 1157 41.98 -8.43 -23.37
CA PRO A 1157 41.38 -9.41 -24.27
C PRO A 1157 40.08 -10.00 -23.70
N PHE A 1158 39.22 -10.43 -24.61
CA PHE A 1158 38.02 -11.17 -24.26
C PHE A 1158 37.62 -12.04 -25.43
N ILE A 1159 36.79 -13.05 -25.14
CA ILE A 1159 36.36 -14.02 -26.13
C ILE A 1159 35.03 -13.56 -26.71
N ALA A 1160 34.97 -13.42 -28.02
CA ALA A 1160 33.72 -13.08 -28.69
C ALA A 1160 32.76 -14.26 -28.65
N GLY A 1161 31.47 -13.95 -28.53
CA GLY A 1161 30.45 -14.97 -28.47
C GLY A 1161 30.41 -15.76 -27.19
N LYS A 1162 31.14 -15.33 -26.17
CA LYS A 1162 31.20 -16.05 -24.91
C LYS A 1162 29.85 -16.00 -24.20
N ARG A 1163 29.39 -17.16 -23.73
CA ARG A 1163 28.09 -17.27 -23.10
C ARG A 1163 28.21 -17.98 -21.76
N ILE A 1164 27.22 -17.72 -20.90
CA ILE A 1164 27.15 -18.29 -19.55
C ILE A 1164 25.82 -19.05 -19.46
N VAL A 1165 25.85 -20.24 -18.86
CA VAL A 1165 24.68 -21.11 -18.92
C VAL A 1165 24.52 -21.91 -17.63
N PRO A 1166 23.31 -21.99 -17.08
CA PRO A 1166 23.09 -22.84 -15.90
C PRO A 1166 22.99 -24.31 -16.28
N VAL A 1167 23.06 -25.15 -15.25
CA VAL A 1167 23.08 -26.60 -15.45
C VAL A 1167 21.68 -27.17 -15.22
N ILE A 1168 21.13 -27.83 -16.25
CA ILE A 1168 19.85 -28.50 -16.15
C ILE A 1168 19.99 -29.92 -16.67
N GLU A 1169 21.17 -30.51 -16.50
CA GLU A 1169 21.47 -31.83 -17.08
C GLU A 1169 20.56 -32.92 -16.51
N ASN A 1170 20.12 -32.79 -15.27
CA ASN A 1170 19.26 -33.79 -14.65
C ASN A 1170 17.80 -33.69 -15.10
N HIS A 1171 17.50 -32.78 -16.05
CA HIS A 1171 16.25 -32.67 -16.80
C HIS A 1171 15.09 -32.14 -15.97
N ARG A 1172 15.25 -31.96 -14.66
CA ARG A 1172 14.18 -31.46 -13.82
C ARG A 1172 14.62 -30.38 -12.83
N PHE A 1173 15.91 -30.20 -12.62
CA PHE A 1173 16.42 -29.30 -11.60
C PHE A 1173 17.48 -28.39 -12.21
N THR A 1174 17.83 -27.34 -11.47
CA THR A 1174 18.76 -26.32 -11.94
C THR A 1174 20.05 -26.39 -11.14
N GLY A 1175 21.18 -26.44 -11.85
CA GLY A 1175 22.50 -26.50 -11.25
C GLY A 1175 23.17 -25.14 -11.23
N ARG A 1176 24.49 -25.15 -11.40
CA ARG A 1176 25.29 -23.94 -11.29
C ARG A 1176 25.65 -23.40 -12.67
N TYR A 1177 26.47 -22.36 -12.71
CA TYR A 1177 26.84 -21.67 -13.92
C TYR A 1177 28.13 -22.24 -14.50
N ARG A 1178 28.24 -22.20 -15.82
CA ARG A 1178 29.45 -22.65 -16.50
C ARG A 1178 29.61 -21.90 -17.81
N ASP A 1179 30.83 -21.92 -18.31
CA ASP A 1179 31.22 -21.23 -19.53
C ASP A 1179 30.75 -22.00 -20.76
N LEU A 1180 30.85 -21.34 -21.92
CA LEU A 1180 30.53 -21.96 -23.19
C LEU A 1180 31.18 -21.16 -24.31
N TYR A 1181 31.72 -21.88 -25.29
CA TYR A 1181 32.20 -21.28 -26.54
C TYR A 1181 31.43 -21.94 -27.68
N PRO A 1182 30.33 -21.30 -28.11
CA PRO A 1182 29.41 -21.95 -29.05
C PRO A 1182 29.98 -22.33 -30.40
N ALA A 1183 30.91 -21.54 -30.94
CA ALA A 1183 31.49 -21.88 -32.24
C ALA A 1183 32.39 -23.10 -32.12
N ASN A 1184 33.18 -23.17 -31.05
CA ASN A 1184 34.10 -24.29 -30.88
C ASN A 1184 33.33 -25.58 -30.58
N GLU A 1185 32.32 -25.50 -29.71
CA GLU A 1185 31.47 -26.65 -29.46
C GLU A 1185 30.70 -27.05 -30.71
N LEU A 1186 30.30 -26.08 -31.50
CA LEU A 1186 29.60 -26.34 -32.75
C LEU A 1186 30.49 -27.12 -33.72
N ILE A 1187 31.70 -26.62 -33.97
CA ILE A 1187 32.59 -27.29 -34.93
C ILE A 1187 33.02 -28.64 -34.40
N ALA A 1188 33.13 -28.78 -33.07
CA ALA A 1188 33.35 -30.11 -32.49
C ALA A 1188 32.18 -31.03 -32.78
N LEU A 1189 30.95 -30.49 -32.76
CA LEU A 1189 29.78 -31.31 -33.06
C LEU A 1189 29.76 -31.77 -34.51
N LEU A 1190 30.10 -30.87 -35.45
CA LEU A 1190 30.11 -31.33 -36.85
C LEU A 1190 31.27 -32.27 -37.13
N GLU A 1191 32.40 -32.08 -36.45
CA GLU A 1191 33.48 -33.05 -36.60
C GLU A 1191 33.11 -34.40 -36.00
N GLU A 1192 32.30 -34.40 -34.93
CA GLU A 1192 31.72 -35.65 -34.44
C GLU A 1192 30.81 -36.28 -35.49
N LYS A 1193 29.97 -35.47 -36.12
CA LYS A 1193 29.13 -35.97 -37.19
C LYS A 1193 29.89 -36.15 -38.50
N GLY A 1194 31.08 -35.56 -38.63
CA GLY A 1194 31.86 -35.72 -39.83
C GLY A 1194 31.28 -35.08 -41.07
N ILE A 1195 30.41 -34.09 -40.91
CA ILE A 1195 29.76 -33.46 -42.04
C ILE A 1195 30.64 -32.33 -42.56
N VAL A 1196 30.94 -32.36 -43.85
CA VAL A 1196 31.78 -31.34 -44.48
C VAL A 1196 31.01 -30.03 -44.55
N PHE A 1197 31.66 -28.95 -44.15
CA PHE A 1197 30.99 -27.65 -44.11
C PHE A 1197 31.87 -26.51 -44.60
N ARG A 1198 33.07 -26.79 -45.09
CA ARG A 1198 33.98 -25.73 -45.52
C ARG A 1198 33.74 -25.36 -46.98
N ASP A 1199 32.47 -25.16 -47.32
CA ASP A 1199 32.09 -24.88 -48.70
C ASP A 1199 31.03 -23.81 -48.82
N GLY A 1200 30.52 -23.27 -47.71
CA GLY A 1200 29.39 -22.36 -47.77
C GLY A 1200 28.10 -23.00 -48.23
N SER A 1201 27.98 -24.32 -48.16
CA SER A 1201 26.80 -25.00 -48.63
C SER A 1201 25.67 -24.91 -47.60
N ASN A 1202 24.48 -25.30 -48.03
CA ASN A 1202 23.35 -25.33 -47.12
C ASN A 1202 23.51 -26.47 -46.14
N ILE A 1203 23.82 -26.14 -44.89
CA ILE A 1203 24.03 -27.14 -43.86
C ILE A 1203 22.72 -27.71 -43.35
N LEU A 1204 21.61 -27.01 -43.58
CA LEU A 1204 20.30 -27.42 -43.05
C LEU A 1204 19.88 -28.84 -43.46
N PRO A 1205 19.97 -29.27 -44.73
CA PRO A 1205 19.63 -30.68 -45.00
C PRO A 1205 20.62 -31.66 -44.41
N LYS A 1206 21.88 -31.25 -44.25
CA LYS A 1206 22.88 -32.14 -43.63
C LYS A 1206 22.57 -32.37 -42.16
N LEU A 1207 22.05 -31.34 -41.47
CA LEU A 1207 21.79 -31.47 -40.04
C LEU A 1207 20.60 -32.36 -39.76
N LEU A 1208 19.53 -32.22 -40.54
CA LEU A 1208 18.35 -33.07 -40.35
C LEU A 1208 18.56 -34.50 -40.82
N GLU A 1209 19.67 -34.79 -41.49
CA GLU A 1209 19.99 -36.16 -41.85
C GLU A 1209 20.22 -37.03 -40.62
N ASN A 1210 20.95 -36.50 -39.63
CA ASN A 1210 21.21 -37.22 -38.39
C ASN A 1210 20.10 -36.88 -37.41
N ASP A 1211 19.11 -37.77 -37.31
CA ASP A 1211 17.89 -37.52 -36.57
C ASP A 1211 17.94 -38.04 -35.13
N ASP A 1212 19.11 -38.41 -34.63
CA ASP A 1212 19.22 -38.85 -33.25
C ASP A 1212 18.95 -37.68 -32.31
N SER A 1213 18.23 -37.98 -31.22
CA SER A 1213 17.68 -36.93 -30.37
C SER A 1213 18.77 -36.15 -29.65
N HIS A 1214 19.90 -36.81 -29.35
CA HIS A 1214 21.00 -36.11 -28.70
C HIS A 1214 21.59 -35.03 -29.60
N ALA A 1215 21.79 -35.34 -30.88
CA ALA A 1215 22.39 -34.37 -31.79
C ALA A 1215 21.46 -33.17 -31.98
N ILE A 1216 20.17 -33.44 -32.23
CA ILE A 1216 19.16 -32.39 -32.40
C ILE A 1216 19.07 -31.52 -31.15
N ASP A 1217 19.08 -32.16 -29.98
CA ASP A 1217 19.01 -31.44 -28.72
C ASP A 1217 20.25 -30.56 -28.53
N THR A 1218 21.41 -31.06 -28.94
CA THR A 1218 22.62 -30.24 -28.81
C THR A 1218 22.58 -29.01 -29.70
N MET A 1219 22.15 -29.16 -30.96
CA MET A 1219 22.12 -27.97 -31.83
C MET A 1219 21.06 -26.98 -31.34
N VAL A 1220 19.94 -27.50 -30.85
CA VAL A 1220 18.91 -26.64 -30.27
C VAL A 1220 19.47 -25.87 -29.07
N ALA A 1221 20.26 -26.56 -28.23
CA ALA A 1221 20.87 -25.91 -27.08
C ALA A 1221 21.84 -24.81 -27.51
N LEU A 1222 22.66 -25.09 -28.53
CA LEU A 1222 23.62 -24.08 -29.00
C LEU A 1222 22.91 -22.86 -29.55
N ILE A 1223 21.87 -23.05 -30.37
CA ILE A 1223 21.23 -21.89 -30.96
C ILE A 1223 20.34 -21.16 -29.95
N ARG A 1224 19.86 -21.87 -28.93
CA ARG A 1224 19.23 -21.19 -27.81
C ARG A 1224 20.23 -20.34 -27.04
N SER A 1225 21.44 -20.87 -26.86
CA SER A 1225 22.45 -20.19 -26.08
C SER A 1225 22.94 -18.93 -26.79
N VAL A 1226 23.11 -18.99 -28.10
CA VAL A 1226 23.49 -17.78 -28.81
C VAL A 1226 22.33 -16.82 -28.92
N LEU A 1227 21.09 -17.31 -28.80
CA LEU A 1227 19.96 -16.43 -28.70
C LEU A 1227 19.76 -15.89 -27.30
N GLN A 1228 20.47 -16.45 -26.31
CA GLN A 1228 20.44 -15.90 -24.96
C GLN A 1228 21.21 -14.60 -24.96
N MET A 1229 20.46 -13.50 -25.03
CA MET A 1229 21.08 -12.18 -25.08
C MET A 1229 21.78 -11.85 -23.77
N ARG A 1230 21.09 -12.06 -22.66
CA ARG A 1230 21.59 -11.70 -21.34
C ARG A 1230 22.66 -12.67 -20.92
N ASN A 1231 23.81 -12.16 -20.50
CA ASN A 1231 24.94 -12.97 -20.09
C ASN A 1231 25.47 -12.41 -18.78
N SER A 1232 25.37 -13.20 -17.72
CA SER A 1232 25.73 -12.69 -16.40
C SER A 1232 26.12 -13.83 -15.48
N ASN A 1233 27.21 -13.63 -14.74
CA ASN A 1233 27.59 -14.51 -13.66
C ASN A 1233 28.35 -13.67 -12.64
N ALA A 1234 27.71 -13.34 -11.52
CA ALA A 1234 28.34 -12.51 -10.52
C ALA A 1234 29.42 -13.26 -9.76
N ALA A 1235 29.42 -14.59 -9.83
CA ALA A 1235 30.47 -15.38 -9.21
C ALA A 1235 31.83 -15.07 -9.84
N THR A 1236 31.88 -14.99 -11.16
CA THR A 1236 33.06 -14.53 -11.85
C THR A 1236 33.02 -13.03 -12.11
N GLY A 1237 31.86 -12.39 -11.96
CA GLY A 1237 31.77 -10.95 -12.12
C GLY A 1237 31.64 -10.45 -13.53
N GLU A 1238 31.20 -11.29 -14.47
CA GLU A 1238 30.99 -10.85 -15.83
C GLU A 1238 29.51 -10.66 -16.12
N ASP A 1239 29.10 -9.40 -16.25
CA ASP A 1239 27.76 -9.08 -16.71
C ASP A 1239 27.91 -8.28 -17.99
N TYR A 1240 27.35 -8.77 -19.08
CA TYR A 1240 27.62 -8.17 -20.37
C TYR A 1240 26.55 -8.58 -21.38
N ILE A 1241 26.58 -7.89 -22.51
CA ILE A 1241 25.63 -8.08 -23.60
C ILE A 1241 26.41 -8.25 -24.89
N ASN A 1242 26.15 -9.35 -25.60
CA ASN A 1242 26.75 -9.62 -26.90
C ASN A 1242 25.62 -9.91 -27.88
N SER A 1243 25.55 -9.14 -28.96
CA SER A 1243 24.53 -9.35 -29.96
C SER A 1243 25.03 -10.30 -31.03
N PRO A 1244 24.41 -11.46 -31.21
CA PRO A 1244 24.78 -12.33 -32.33
C PRO A 1244 24.49 -11.73 -33.68
N VAL A 1245 23.45 -10.91 -33.79
CA VAL A 1245 23.11 -10.28 -35.05
C VAL A 1245 24.04 -9.10 -35.28
N ARG A 1246 24.72 -9.09 -36.42
CA ARG A 1246 25.64 -8.02 -36.71
C ARG A 1246 24.89 -6.78 -37.17
N ASP A 1247 25.59 -5.65 -37.15
CA ASP A 1247 25.05 -4.40 -37.64
C ASP A 1247 24.94 -4.43 -39.17
N LEU A 1248 24.25 -3.43 -39.71
CA LEU A 1248 24.38 -3.11 -41.13
C LEU A 1248 25.81 -2.75 -41.49
N ASN A 1249 26.59 -2.24 -40.53
CA ASN A 1249 28.02 -2.11 -40.69
C ASN A 1249 28.75 -3.45 -40.62
N GLY A 1250 28.05 -4.52 -40.26
CA GLY A 1250 28.68 -5.82 -40.14
C GLY A 1250 29.36 -6.05 -38.81
N VAL A 1251 29.19 -5.17 -37.84
CA VAL A 1251 29.84 -5.29 -36.56
C VAL A 1251 28.99 -6.16 -35.64
N CYS A 1252 29.56 -7.25 -35.17
CA CYS A 1252 28.94 -8.01 -34.08
C CYS A 1252 28.99 -7.16 -32.83
N PHE A 1253 27.82 -6.78 -32.32
CA PHE A 1253 27.78 -5.91 -31.17
C PHE A 1253 28.17 -6.66 -29.91
N ASP A 1254 28.96 -6.01 -29.08
CA ASP A 1254 29.26 -6.50 -27.74
C ASP A 1254 29.32 -5.32 -26.80
N SER A 1255 28.85 -5.53 -25.57
CA SER A 1255 29.07 -4.56 -24.52
C SER A 1255 30.50 -4.60 -24.00
N ARG A 1256 31.27 -5.64 -24.33
CA ARG A 1256 32.65 -5.70 -23.90
C ARG A 1256 33.54 -4.67 -24.58
N PHE A 1257 33.09 -4.09 -25.69
CA PHE A 1257 33.93 -3.13 -26.42
C PHE A 1257 34.15 -1.84 -25.66
N GLN A 1258 33.33 -1.57 -24.63
CA GLN A 1258 33.45 -0.42 -23.74
C GLN A 1258 33.36 0.90 -24.49
N ASN A 1259 32.56 0.96 -25.54
CA ASN A 1259 32.28 2.22 -26.20
C ASN A 1259 31.35 3.05 -25.32
N PRO A 1260 31.73 4.25 -24.91
CA PRO A 1260 30.77 5.11 -24.18
C PRO A 1260 29.58 5.54 -25.02
N GLU A 1261 29.68 5.45 -26.35
CA GLU A 1261 28.53 5.70 -27.20
C GLU A 1261 27.40 4.71 -26.95
N TRP A 1262 27.75 3.48 -26.60
CA TRP A 1262 26.78 2.42 -26.36
C TRP A 1262 26.69 2.12 -24.87
N PRO A 1263 25.62 1.45 -24.42
CA PRO A 1263 25.48 1.14 -23.00
C PRO A 1263 26.62 0.32 -22.45
N MET A 1264 27.02 0.64 -21.22
CA MET A 1264 28.14 -0.02 -20.60
C MET A 1264 27.78 -1.44 -20.16
N ASP A 1265 26.60 -1.61 -19.59
CA ASP A 1265 26.20 -2.87 -18.99
C ASP A 1265 24.78 -3.22 -19.39
N ALA A 1266 24.36 -4.40 -18.94
CA ALA A 1266 23.03 -4.90 -19.28
C ALA A 1266 21.94 -4.08 -18.60
N ASP A 1267 22.11 -3.77 -17.33
CA ASP A 1267 21.16 -2.87 -16.66
C ASP A 1267 21.27 -1.47 -17.24
N ALA A 1268 22.49 -1.08 -17.65
CA ALA A 1268 22.63 0.16 -18.39
C ALA A 1268 21.90 0.11 -19.70
N ASN A 1269 21.91 -1.05 -20.36
CA ASN A 1269 21.14 -1.22 -21.58
C ASN A 1269 19.65 -1.07 -21.33
N GLY A 1270 19.18 -1.64 -20.21
CA GLY A 1270 17.77 -1.50 -19.88
C GLY A 1270 17.39 -0.06 -19.58
N ALA A 1271 18.26 0.67 -18.88
CA ALA A 1271 18.01 2.07 -18.63
C ALA A 1271 18.00 2.87 -19.92
N TYR A 1272 18.91 2.54 -20.83
CA TYR A 1272 18.91 3.18 -22.14
C TYR A 1272 17.62 2.90 -22.89
N HIS A 1273 17.13 1.67 -22.84
CA HIS A 1273 15.93 1.34 -23.60
C HIS A 1273 14.69 1.95 -22.97
N ILE A 1274 14.62 2.04 -21.65
CA ILE A 1274 13.46 2.68 -21.05
C ILE A 1274 13.50 4.18 -21.31
N ALA A 1275 14.69 4.76 -21.41
CA ALA A 1275 14.79 6.15 -21.84
C ALA A 1275 14.33 6.29 -23.28
N LEU A 1276 14.64 5.32 -24.12
CA LEU A 1276 14.15 5.34 -25.50
C LEU A 1276 12.64 5.23 -25.55
N LYS A 1277 12.05 4.43 -24.67
CA LYS A 1277 10.59 4.33 -24.60
C LYS A 1277 9.99 5.67 -24.23
N GLY A 1278 10.59 6.35 -23.26
CA GLY A 1278 10.12 7.68 -22.92
C GLY A 1278 10.29 8.66 -24.07
N GLN A 1279 11.37 8.52 -24.81
CA GLN A 1279 11.60 9.34 -26.00
C GLN A 1279 10.49 9.14 -27.01
N LEU A 1280 10.10 7.88 -27.24
CA LEU A 1280 9.00 7.58 -28.13
C LEU A 1280 7.70 8.19 -27.64
N LEU A 1281 7.46 8.07 -26.34
CA LEU A 1281 6.19 8.53 -25.77
C LEU A 1281 6.07 10.05 -25.91
N LEU A 1282 7.15 10.76 -25.61
CA LEU A 1282 7.11 12.21 -25.75
C LEU A 1282 7.16 12.66 -27.19
N ASN A 1283 7.76 11.86 -28.08
CA ASN A 1283 7.68 12.18 -29.50
C ASN A 1283 6.25 12.07 -29.99
N HIS A 1284 5.52 11.06 -29.51
CA HIS A 1284 4.09 11.01 -29.75
C HIS A 1284 3.38 12.20 -29.15
N LEU A 1285 3.83 12.66 -27.97
CA LEU A 1285 3.29 13.89 -27.40
C LEU A 1285 3.55 15.08 -28.30
N LYS A 1286 4.75 15.12 -28.91
CA LYS A 1286 5.04 16.17 -29.88
C LYS A 1286 4.10 16.08 -31.07
N GLU A 1287 3.75 14.86 -31.48
CA GLU A 1287 2.76 14.69 -32.51
C GLU A 1287 1.34 14.77 -31.97
N SER A 1288 1.16 14.68 -30.65
CA SER A 1288 -0.16 14.80 -30.05
C SER A 1288 -0.53 16.28 -30.03
N LYS A 1289 -1.35 16.69 -31.01
CA LYS A 1289 -1.80 18.08 -31.04
C LYS A 1289 -2.87 18.36 -30.01
N ASP A 1290 -3.48 17.31 -29.45
CA ASP A 1290 -4.51 17.45 -28.44
C ASP A 1290 -3.95 17.60 -27.04
N LEU A 1291 -2.62 17.61 -26.89
CA LEU A 1291 -1.91 17.73 -25.62
C LEU A 1291 -2.21 16.57 -24.66
N LYS A 1292 -2.71 15.46 -25.20
CA LYS A 1292 -2.99 14.27 -24.41
C LYS A 1292 -1.84 13.29 -24.53
N LEU A 1293 -2.01 12.08 -24.01
CA LEU A 1293 -1.00 11.04 -24.11
C LEU A 1293 -1.65 9.69 -24.32
N GLN A 1294 -0.87 8.75 -24.84
CA GLN A 1294 -1.35 7.40 -25.04
C GLN A 1294 -1.54 6.68 -23.70
N ASN A 1295 -2.46 5.71 -23.70
CA ASN A 1295 -2.71 4.88 -22.54
C ASN A 1295 -1.68 3.75 -22.51
N GLY A 1296 -0.46 4.12 -22.15
CA GLY A 1296 0.65 3.19 -22.19
C GLY A 1296 1.19 3.01 -23.59
N ILE A 1297 2.14 2.10 -23.72
CA ILE A 1297 2.81 1.83 -24.98
C ILE A 1297 2.65 0.35 -25.30
N SER A 1298 2.08 0.06 -26.47
CA SER A 1298 1.98 -1.32 -26.93
C SER A 1298 3.36 -1.87 -27.25
N ASN A 1299 3.55 -3.15 -26.93
CA ASN A 1299 4.84 -3.80 -27.12
C ASN A 1299 5.21 -3.84 -28.60
N GLN A 1300 4.24 -4.14 -29.46
CA GLN A 1300 4.50 -4.16 -30.89
C GLN A 1300 4.88 -2.77 -31.40
N ASP A 1301 4.19 -1.74 -30.91
CA ASP A 1301 4.54 -0.38 -31.29
C ASP A 1301 5.95 -0.04 -30.85
N TRP A 1302 6.32 -0.48 -29.65
CA TRP A 1302 7.65 -0.20 -29.12
C TRP A 1302 8.74 -0.87 -29.95
N LEU A 1303 8.57 -2.16 -30.26
CA LEU A 1303 9.66 -2.81 -30.98
C LEU A 1303 9.69 -2.37 -32.43
N ALA A 1304 8.53 -2.05 -33.00
CA ALA A 1304 8.49 -1.47 -34.34
C ALA A 1304 9.22 -0.13 -34.38
N TYR A 1305 9.02 0.71 -33.37
CA TYR A 1305 9.69 1.99 -33.32
C TYR A 1305 11.20 1.84 -33.16
N ILE A 1306 11.62 0.97 -32.23
CA ILE A 1306 13.06 0.88 -31.95
C ILE A 1306 13.78 0.23 -33.13
N GLN A 1307 13.16 -0.76 -33.77
CA GLN A 1307 13.73 -1.31 -34.98
C GLN A 1307 13.70 -0.30 -36.11
N GLU A 1308 12.69 0.58 -36.12
CA GLU A 1308 12.58 1.55 -37.19
C GLU A 1308 13.71 2.57 -37.14
N LEU A 1309 13.97 3.15 -35.98
CA LEU A 1309 15.01 4.18 -36.01
C LEU A 1309 16.39 3.57 -35.84
N ARG A 1310 16.48 2.36 -35.29
CA ARG A 1310 17.76 1.67 -35.32
C ARG A 1310 18.09 1.18 -36.73
N ASN A 1311 17.07 0.84 -37.51
CA ASN A 1311 17.27 0.37 -38.86
C ASN A 1311 16.35 1.11 -39.80
#